data_9II1
#
_entry.id   9II1
#
_cell.length_a   60.831
_cell.length_b   39.638
_cell.length_c   193.778
_cell.angle_alpha   90.00
_cell.angle_beta   95.76
_cell.angle_gamma   90.00
#
_symmetry.space_group_name_H-M   'P 1 2 1'
#
loop_
_entity.id
_entity.type
_entity.pdbx_description
1 polymer 'Glycoside hydrolase family 57 N-terminal domain-containing protein'
2 branched alpha-D-glucopyranose-(1-4)-alpha-D-glucopyranose-(1-4)-alpha-D-glucopyranose-(1-4)-alpha-D-glucopyranose-(1-4)-alpha-D-glucopyranose
3 branched alpha-D-glucopyranose-(1-4)-alpha-D-glucopyranose-(1-4)-alpha-D-glucopyranose-(1-4)-alpha-D-glucopyranose
4 branched alpha-D-glucopyranose-(1-4)-alpha-D-glucopyranose-(1-4)-beta-D-glucopyranose
5 non-polymer GLYCEROL
6 water water
#
_entity_poly.entity_id   1
_entity_poly.type   'polypeptide(L)'
_entity_poly.pdbx_seq_one_letter_code
;MKKLFLVFWWHMHQPLYREPYTGEYLLPWTFFHAVKDYYDMPAYLKDFEIKLNFNLTPVLIDQIQEYAQGKAKDVFLEAI
RKDPDDLEKEEVEKLIEFTKLNYEKPIYRFERIRELMNKEKLNREELLDLQTLNLLAWCGRTLRKDLKDLLNKGRNYTQE
EKEYVLNKYFEIIKKTLSIYREIKEEGKGSVSTSPYYHPLIPILLNPNCVYETTPNVKIPDFAVSFREDASKHVELAKEK
YFEIFGEHPVYMWPPLASVSNEALELYYEKGINMLATDEVILKNSVERASPYLRYYFRELISVFFRDKTLSDLIGFSYHA
WNAEDAVRDFIGRLKKIHESVDFQPVVFVVLDGENCWEYYEENGIPFLEKLYSTLEKEEWIETLTLEEAMRKEDVKTEVI
ESVKAGTWFDGNFLKWIGNKEKNEYWKILIEAKKKAKNDYILVAEGSDWFWWQGEEKAPFVEVFDKLFRSFVRRAQE
;
_entity_poly.pdbx_strand_id   A,B
#
# COMPACT_ATOMS: atom_id res chain seq x y z
N LYS A 2 17.68 -8.04 0.97
CA LYS A 2 17.22 -9.13 0.12
C LYS A 2 15.82 -9.55 0.51
N LYS A 3 14.88 -9.47 -0.42
CA LYS A 3 13.51 -9.82 -0.13
C LYS A 3 13.14 -11.15 -0.76
N LEU A 4 12.08 -11.76 -0.25
CA LEU A 4 11.39 -12.85 -0.93
C LEU A 4 10.09 -12.27 -1.45
N PHE A 5 9.79 -12.52 -2.73
CA PHE A 5 8.56 -12.02 -3.33
C PHE A 5 7.54 -13.15 -3.33
N LEU A 6 6.38 -12.88 -2.76
CA LEU A 6 5.35 -13.88 -2.58
C LEU A 6 4.14 -13.47 -3.40
N VAL A 7 3.60 -14.39 -4.20
CA VAL A 7 2.51 -14.06 -5.12
C VAL A 7 1.43 -15.11 -4.93
N PHE A 8 0.29 -14.71 -4.35
CA PHE A 8 -0.86 -15.61 -4.25
C PHE A 8 -1.73 -15.43 -5.47
N TRP A 9 -2.19 -16.52 -6.06
CA TRP A 9 -3.09 -16.43 -7.23
C TRP A 9 -4.19 -17.46 -7.00
N TRP A 10 -5.34 -16.97 -6.55
CA TRP A 10 -6.45 -17.83 -6.13
C TRP A 10 -7.38 -18.00 -7.33
N HIS A 11 -7.55 -19.23 -7.82
CA HIS A 11 -8.32 -19.44 -9.05
C HIS A 11 -9.76 -19.86 -8.76
N MET A 12 -10.72 -19.18 -9.36
CA MET A 12 -12.14 -19.35 -9.08
C MET A 12 -12.84 -19.82 -10.37
N HIS A 13 -13.56 -20.94 -10.30
CA HIS A 13 -14.22 -21.44 -11.50
C HIS A 13 -15.42 -22.29 -11.14
N GLN A 14 -16.47 -22.25 -11.96
CA GLN A 14 -17.49 -23.32 -11.94
C GLN A 14 -17.85 -23.60 -13.39
N PRO A 15 -18.03 -24.85 -13.76
CA PRO A 15 -18.59 -25.16 -15.10
C PRO A 15 -20.05 -24.73 -15.16
N LEU A 16 -20.62 -24.69 -16.37
CA LEU A 16 -21.99 -24.18 -16.52
C LEU A 16 -22.99 -25.21 -16.02
N TYR A 17 -23.71 -24.88 -14.94
CA TYR A 17 -24.69 -25.80 -14.38
C TYR A 17 -26.08 -25.61 -14.97
N ARG A 18 -26.25 -24.64 -15.86
CA ARG A 18 -27.55 -24.24 -16.40
C ARG A 18 -27.90 -25.14 -17.60
N GLU A 19 -28.87 -26.00 -17.41
CA GLU A 19 -29.31 -26.89 -18.48
C GLU A 19 -29.94 -26.08 -19.59
N PRO A 20 -29.58 -26.30 -20.85
CA PRO A 20 -29.94 -25.32 -21.90
C PRO A 20 -31.38 -25.41 -22.36
N TYR A 21 -32.07 -26.51 -22.09
CA TYR A 21 -33.44 -26.61 -22.60
C TYR A 21 -34.45 -26.11 -21.57
N THR A 22 -34.21 -26.40 -20.29
CA THR A 22 -35.08 -25.93 -19.22
C THR A 22 -34.60 -24.65 -18.57
N GLY A 23 -33.34 -24.30 -18.71
CA GLY A 23 -32.81 -23.14 -18.03
C GLY A 23 -32.55 -23.37 -16.57
N GLU A 24 -32.70 -24.58 -16.07
CA GLU A 24 -32.56 -24.86 -14.65
C GLU A 24 -31.11 -25.09 -14.29
N TYR A 25 -30.66 -24.54 -13.16
CA TYR A 25 -29.32 -24.82 -12.63
C TYR A 25 -29.41 -26.14 -11.88
N LEU A 26 -28.74 -27.18 -12.38
CA LEU A 26 -28.98 -28.53 -11.88
C LEU A 26 -28.18 -28.86 -10.65
N LEU A 27 -27.15 -28.08 -10.34
CA LEU A 27 -26.42 -28.21 -9.09
C LEU A 27 -26.24 -26.81 -8.53
N PRO A 28 -26.16 -26.69 -7.20
CA PRO A 28 -26.14 -25.37 -6.54
C PRO A 28 -24.75 -24.84 -6.24
N TRP A 29 -23.70 -25.45 -6.79
CA TRP A 29 -22.35 -25.14 -6.31
C TRP A 29 -21.93 -23.70 -6.58
N THR A 30 -22.44 -23.07 -7.65
CA THR A 30 -22.10 -21.67 -7.86
C THR A 30 -22.69 -20.80 -6.76
N PHE A 31 -23.95 -21.07 -6.40
CA PHE A 31 -24.58 -20.32 -5.32
C PHE A 31 -23.80 -20.49 -4.02
N PHE A 32 -23.54 -21.75 -3.66
CA PHE A 32 -22.90 -22.00 -2.36
C PHE A 32 -21.46 -21.47 -2.30
N HIS A 33 -20.70 -21.57 -3.40
CA HIS A 33 -19.36 -20.99 -3.32
C HIS A 33 -19.35 -19.48 -3.44
N ALA A 34 -20.38 -18.90 -4.06
CA ALA A 34 -20.45 -17.45 -4.10
C ALA A 34 -20.69 -16.91 -2.69
N VAL A 35 -21.64 -17.53 -1.96
CA VAL A 35 -21.96 -17.00 -0.64
C VAL A 35 -20.85 -17.29 0.34
N LYS A 36 -20.11 -18.37 0.12
CA LYS A 36 -19.10 -18.79 1.09
C LYS A 36 -17.72 -18.22 0.77
N ASP A 37 -17.33 -18.18 -0.51
CA ASP A 37 -15.94 -17.92 -0.90
C ASP A 37 -15.75 -16.76 -1.88
N TYR A 38 -16.62 -16.62 -2.89
CA TYR A 38 -16.23 -15.72 -4.00
C TYR A 38 -16.26 -14.24 -3.61
N TYR A 39 -17.19 -13.81 -2.75
CA TYR A 39 -17.09 -12.47 -2.18
C TYR A 39 -16.01 -12.40 -1.11
N ASP A 40 -15.96 -13.42 -0.25
CA ASP A 40 -15.17 -13.26 0.96
C ASP A 40 -13.67 -13.40 0.74
N MET A 41 -13.24 -14.14 -0.26
CA MET A 41 -11.80 -14.25 -0.50
C MET A 41 -11.17 -12.91 -0.88
N PRO A 42 -11.69 -12.13 -1.84
CA PRO A 42 -11.12 -10.80 -2.07
C PRO A 42 -11.43 -9.80 -0.95
N ALA A 43 -12.55 -10.00 -0.23
CA ALA A 43 -12.90 -9.09 0.87
C ALA A 43 -11.92 -9.11 2.03
N TYR A 44 -11.11 -10.18 2.16
CA TYR A 44 -10.02 -10.11 3.14
C TYR A 44 -9.13 -8.89 2.93
N LEU A 45 -9.02 -8.40 1.68
CA LEU A 45 -8.15 -7.27 1.38
C LEU A 45 -8.65 -5.96 1.99
N LYS A 46 -9.91 -5.88 2.41
CA LYS A 46 -10.36 -4.70 3.15
C LYS A 46 -9.74 -4.64 4.54
N ASP A 47 -9.37 -5.79 5.11
CA ASP A 47 -8.90 -5.87 6.49
C ASP A 47 -7.41 -6.15 6.63
N PHE A 48 -6.72 -6.58 5.57
CA PHE A 48 -5.31 -6.91 5.65
C PHE A 48 -4.59 -6.22 4.51
N GLU A 49 -3.48 -5.56 4.84
CA GLU A 49 -2.78 -4.69 3.88
C GLU A 49 -1.69 -5.47 3.13
N ILE A 50 -2.10 -6.52 2.43
CA ILE A 50 -1.19 -7.29 1.58
C ILE A 50 -1.77 -7.32 0.18
N LYS A 51 -1.05 -7.94 -0.77
CA LYS A 51 -1.54 -8.12 -2.13
C LYS A 51 -2.01 -9.56 -2.33
N LEU A 52 -3.18 -9.74 -2.94
CA LEU A 52 -3.68 -11.08 -3.30
C LEU A 52 -4.27 -11.00 -4.68
N ASN A 53 -4.04 -12.02 -5.50
CA ASN A 53 -4.52 -11.99 -6.87
C ASN A 53 -5.55 -13.08 -7.10
N PHE A 54 -6.39 -12.91 -8.12
CA PHE A 54 -7.50 -13.80 -8.35
C PHE A 54 -7.64 -14.07 -9.84
N ASN A 55 -8.08 -15.27 -10.16
CA ASN A 55 -8.51 -15.60 -11.51
C ASN A 55 -10.01 -15.85 -11.47
N LEU A 56 -10.75 -15.29 -12.43
CA LEU A 56 -12.18 -15.58 -12.58
C LEU A 56 -12.40 -16.14 -13.97
N THR A 57 -12.95 -17.34 -14.07
CA THR A 57 -13.27 -17.81 -15.41
C THR A 57 -14.51 -17.08 -15.94
N PRO A 58 -14.59 -16.86 -17.24
CA PRO A 58 -15.77 -16.16 -17.78
C PRO A 58 -17.06 -16.92 -17.52
N VAL A 59 -17.03 -18.26 -17.58
CA VAL A 59 -18.26 -19.04 -17.36
C VAL A 59 -18.72 -18.89 -15.91
N LEU A 60 -17.78 -18.78 -14.95
CA LEU A 60 -18.18 -18.46 -13.58
C LEU A 60 -18.83 -17.10 -13.48
N ILE A 61 -18.21 -16.08 -14.12
CA ILE A 61 -18.76 -14.74 -14.08
C ILE A 61 -20.20 -14.72 -14.60
N ASP A 62 -20.45 -15.40 -15.74
CA ASP A 62 -21.81 -15.45 -16.32
C ASP A 62 -22.83 -15.94 -15.29
N GLN A 63 -22.47 -16.98 -14.54
CA GLN A 63 -23.39 -17.55 -13.57
C GLN A 63 -23.58 -16.65 -12.36
N ILE A 64 -22.50 -16.06 -11.85
CA ILE A 64 -22.67 -15.10 -10.76
C ILE A 64 -23.62 -13.98 -11.19
N GLN A 65 -23.46 -13.46 -12.40
CA GLN A 65 -24.36 -12.43 -12.90
C GLN A 65 -25.81 -12.89 -12.92
N GLU A 66 -26.04 -14.13 -13.36
CA GLU A 66 -27.42 -14.62 -13.42
C GLU A 66 -28.02 -14.75 -12.02
N TYR A 67 -27.27 -15.27 -11.04
CA TYR A 67 -27.80 -15.31 -9.68
C TYR A 67 -28.04 -13.90 -9.14
N ALA A 68 -27.10 -12.98 -9.38
CA ALA A 68 -27.24 -11.63 -8.87
C ALA A 68 -28.45 -10.92 -9.47
N GLN A 69 -28.84 -11.29 -10.69
CA GLN A 69 -29.99 -10.66 -11.35
C GLN A 69 -31.31 -11.30 -10.97
N GLY A 70 -31.32 -12.29 -10.08
CA GLY A 70 -32.56 -12.97 -9.78
C GLY A 70 -33.08 -13.83 -10.91
N LYS A 71 -32.20 -14.26 -11.83
CA LYS A 71 -32.63 -15.05 -12.99
C LYS A 71 -32.35 -16.55 -12.87
N ALA A 72 -31.51 -16.96 -11.92
CA ALA A 72 -31.09 -18.36 -11.87
C ALA A 72 -32.18 -19.22 -11.22
N LYS A 73 -32.66 -20.22 -11.96
CA LYS A 73 -33.62 -21.19 -11.43
C LYS A 73 -32.82 -22.38 -10.91
N ASP A 74 -32.51 -22.37 -9.63
CA ASP A 74 -31.65 -23.35 -8.99
C ASP A 74 -32.51 -24.40 -8.29
N VAL A 75 -32.52 -25.63 -8.83
CA VAL A 75 -33.49 -26.62 -8.34
C VAL A 75 -33.20 -27.01 -6.89
N PHE A 76 -31.93 -27.14 -6.50
CA PHE A 76 -31.65 -27.48 -5.12
C PHE A 76 -32.01 -26.33 -4.18
N LEU A 77 -31.76 -25.09 -4.59
CA LEU A 77 -32.09 -23.98 -3.74
C LEU A 77 -33.60 -23.84 -3.60
N GLU A 78 -34.36 -24.20 -4.64
CA GLU A 78 -35.82 -24.18 -4.53
C GLU A 78 -36.30 -25.11 -3.43
N ALA A 79 -35.64 -26.26 -3.27
CA ALA A 79 -35.96 -27.22 -2.22
C ALA A 79 -35.60 -26.72 -0.82
N ILE A 80 -34.54 -25.91 -0.70
CA ILE A 80 -34.23 -25.26 0.57
C ILE A 80 -35.26 -24.20 0.91
N ARG A 81 -35.66 -23.42 -0.08
CA ARG A 81 -36.51 -22.27 0.21
C ARG A 81 -37.93 -22.69 0.62
N LYS A 82 -38.50 -23.73 0.00
CA LYS A 82 -39.90 -24.10 0.23
C LYS A 82 -40.18 -24.39 1.70
N ASP A 83 -41.42 -24.16 2.12
CA ASP A 83 -41.90 -24.73 3.37
C ASP A 83 -41.80 -26.26 3.26
N PRO A 84 -41.35 -26.93 4.33
CA PRO A 84 -41.20 -28.40 4.23
C PRO A 84 -42.48 -29.14 3.93
N ASP A 85 -43.64 -28.58 4.32
CA ASP A 85 -44.92 -29.20 3.94
C ASP A 85 -45.07 -29.34 2.42
N ASP A 86 -44.33 -28.55 1.65
CA ASP A 86 -44.41 -28.58 0.19
C ASP A 86 -43.28 -29.35 -0.48
N LEU A 87 -42.39 -29.95 0.30
CA LEU A 87 -41.26 -30.66 -0.31
C LEU A 87 -41.74 -31.95 -0.97
N GLU A 88 -41.28 -32.17 -2.20
CA GLU A 88 -41.50 -33.43 -2.90
C GLU A 88 -40.64 -34.51 -2.26
N LYS A 89 -41.07 -35.77 -2.42
CA LYS A 89 -40.27 -36.90 -1.95
C LYS A 89 -38.86 -36.84 -2.54
N GLU A 90 -38.78 -36.57 -3.85
CA GLU A 90 -37.49 -36.44 -4.53
C GLU A 90 -36.64 -35.32 -3.91
N GLU A 91 -37.27 -34.22 -3.49
CA GLU A 91 -36.53 -33.10 -2.90
C GLU A 91 -36.02 -33.42 -1.50
N VAL A 92 -36.82 -34.14 -0.69
CA VAL A 92 -36.33 -34.59 0.61
C VAL A 92 -35.14 -35.51 0.43
N GLU A 93 -35.22 -36.45 -0.51
CA GLU A 93 -34.11 -37.36 -0.78
C GLU A 93 -32.85 -36.61 -1.15
N LYS A 94 -32.98 -35.60 -2.03
CA LYS A 94 -31.80 -34.84 -2.44
C LYS A 94 -31.23 -33.99 -1.31
N LEU A 95 -32.08 -33.43 -0.44
CA LEU A 95 -31.59 -32.70 0.73
C LEU A 95 -30.79 -33.63 1.64
N ILE A 96 -31.30 -34.84 1.89
CA ILE A 96 -30.59 -35.78 2.74
C ILE A 96 -29.28 -36.22 2.08
N GLU A 97 -29.31 -36.51 0.78
CA GLU A 97 -28.08 -36.91 0.08
C GLU A 97 -27.05 -35.79 0.10
N PHE A 98 -27.48 -34.55 -0.11
CA PHE A 98 -26.57 -33.42 -0.02
C PHE A 98 -25.97 -33.28 1.38
N THR A 99 -26.79 -33.48 2.41
CA THR A 99 -26.25 -33.41 3.77
C THR A 99 -25.23 -34.52 4.01
N LYS A 100 -25.56 -35.75 3.59
CA LYS A 100 -24.61 -36.86 3.78
C LYS A 100 -23.29 -36.62 3.04
N LEU A 101 -23.35 -35.97 1.87
CA LEU A 101 -22.13 -35.68 1.10
C LEU A 101 -21.19 -34.74 1.84
N ASN A 102 -21.73 -33.87 2.68
CA ASN A 102 -21.02 -32.76 3.30
C ASN A 102 -20.85 -32.89 4.80
N TYR A 103 -21.43 -33.94 5.38
CA TYR A 103 -21.65 -34.15 6.81
C TYR A 103 -20.35 -34.15 7.62
N GLU A 104 -19.25 -34.62 7.04
CA GLU A 104 -18.00 -34.72 7.79
C GLU A 104 -17.13 -33.49 7.66
N LYS A 105 -17.52 -32.53 6.85
CA LYS A 105 -16.73 -31.32 6.71
C LYS A 105 -16.93 -30.43 7.95
N PRO A 106 -15.88 -29.73 8.42
CA PRO A 106 -16.07 -28.93 9.65
C PRO A 106 -17.11 -27.81 9.53
N ILE A 107 -17.37 -27.30 8.33
CA ILE A 107 -18.42 -26.30 8.23
C ILE A 107 -19.80 -26.87 8.50
N TYR A 108 -19.95 -28.21 8.51
CA TYR A 108 -21.21 -28.86 8.87
C TYR A 108 -21.26 -29.29 10.33
N ARG A 109 -20.32 -28.83 11.16
CA ARG A 109 -20.23 -29.29 12.55
C ARG A 109 -21.33 -28.64 13.39
N PHE A 110 -22.55 -29.17 13.25
CA PHE A 110 -23.69 -28.77 14.06
C PHE A 110 -24.25 -30.02 14.70
N GLU A 111 -24.41 -29.99 16.03
CA GLU A 111 -24.96 -31.15 16.72
C GLU A 111 -26.34 -31.52 16.17
N ARG A 112 -27.12 -30.52 15.77
CA ARG A 112 -28.47 -30.79 15.28
C ARG A 112 -28.45 -31.61 13.98
N ILE A 113 -27.47 -31.34 13.11
CA ILE A 113 -27.31 -32.15 11.91
C ILE A 113 -27.11 -33.62 12.28
N ARG A 114 -26.28 -33.89 13.29
CA ARG A 114 -26.06 -35.26 13.75
C ARG A 114 -27.37 -35.91 14.19
N GLU A 115 -28.14 -35.20 15.02
CA GLU A 115 -29.43 -35.73 15.45
C GLU A 115 -30.34 -36.02 14.27
N LEU A 116 -30.42 -35.10 13.31
CA LEU A 116 -31.36 -35.26 12.20
C LEU A 116 -30.97 -36.45 11.33
N MET A 117 -29.68 -36.64 11.07
CA MET A 117 -29.27 -37.77 10.24
C MET A 117 -29.43 -39.11 10.95
N ASN A 118 -29.71 -39.10 12.26
CA ASN A 118 -29.98 -40.32 13.00
C ASN A 118 -31.47 -40.62 13.11
N LYS A 119 -32.32 -39.78 12.53
CA LYS A 119 -33.76 -39.99 12.63
C LYS A 119 -34.26 -40.75 11.41
N GLU A 120 -35.29 -41.57 11.65
CA GLU A 120 -35.84 -42.40 10.58
C GLU A 120 -36.72 -41.60 9.63
N LYS A 121 -37.55 -40.70 10.18
CA LYS A 121 -38.38 -39.82 9.37
C LYS A 121 -38.36 -38.43 9.98
N LEU A 122 -38.32 -37.42 9.13
CA LEU A 122 -38.25 -36.03 9.57
C LEU A 122 -39.64 -35.39 9.46
N ASN A 123 -40.04 -34.68 10.51
CA ASN A 123 -41.26 -33.90 10.50
C ASN A 123 -40.95 -32.49 9.97
N ARG A 124 -41.93 -31.58 10.00
CA ARG A 124 -41.72 -30.27 9.40
C ARG A 124 -40.66 -29.47 10.17
N GLU A 125 -40.72 -29.49 11.50
CA GLU A 125 -39.73 -28.79 12.29
C GLU A 125 -38.32 -29.28 11.98
N GLU A 126 -38.17 -30.60 11.89
CA GLU A 126 -36.87 -31.19 11.62
C GLU A 126 -36.37 -30.81 10.22
N LEU A 127 -37.26 -30.86 9.23
CA LEU A 127 -36.86 -30.51 7.86
C LEU A 127 -36.48 -29.03 7.76
N LEU A 128 -37.19 -28.16 8.49
CA LEU A 128 -36.79 -26.75 8.52
C LEU A 128 -35.38 -26.60 9.06
N ASP A 129 -35.05 -27.38 10.10
CA ASP A 129 -33.69 -27.34 10.63
C ASP A 129 -32.71 -27.87 9.61
N LEU A 130 -33.09 -28.93 8.88
CA LEU A 130 -32.15 -29.46 7.90
C LEU A 130 -31.91 -28.45 6.78
N GLN A 131 -32.98 -27.83 6.25
CA GLN A 131 -32.81 -26.81 5.21
C GLN A 131 -31.96 -25.63 5.69
N THR A 132 -32.29 -25.10 6.87
CA THR A 132 -31.61 -23.90 7.34
C THR A 132 -30.16 -24.19 7.73
N LEU A 133 -29.89 -25.34 8.33
CA LEU A 133 -28.50 -25.64 8.66
C LEU A 133 -27.67 -25.92 7.43
N ASN A 134 -28.27 -26.48 6.37
CA ASN A 134 -27.52 -26.61 5.13
C ASN A 134 -27.15 -25.24 4.59
N LEU A 135 -28.07 -24.28 4.66
CA LEU A 135 -27.74 -22.91 4.26
C LEU A 135 -26.64 -22.35 5.14
N LEU A 136 -26.84 -22.40 6.46
CA LEU A 136 -25.90 -21.76 7.39
C LEU A 136 -24.50 -22.36 7.31
N ALA A 137 -24.38 -23.64 6.93
CA ALA A 137 -23.06 -24.28 6.86
C ALA A 137 -22.16 -23.55 5.87
N TRP A 138 -22.75 -22.91 4.86
CA TRP A 138 -21.99 -22.26 3.79
C TRP A 138 -21.81 -20.77 4.04
N CYS A 139 -22.05 -20.31 5.27
CA CYS A 139 -21.92 -18.90 5.57
C CYS A 139 -20.47 -18.43 5.40
N GLY A 140 -20.27 -17.32 4.69
CA GLY A 140 -18.94 -16.76 4.54
C GLY A 140 -18.52 -15.89 5.73
N ARG A 141 -17.25 -15.48 5.69
CA ARG A 141 -16.65 -14.69 6.76
C ARG A 141 -17.45 -13.45 7.10
N THR A 142 -17.86 -12.70 6.07
CA THR A 142 -18.54 -11.43 6.33
C THR A 142 -19.81 -11.65 7.13
N LEU A 143 -20.63 -12.59 6.68
CA LEU A 143 -21.92 -12.79 7.35
C LEU A 143 -21.81 -13.62 8.61
N ARG A 144 -20.70 -14.33 8.83
CA ARG A 144 -20.55 -15.07 10.08
C ARG A 144 -20.57 -14.13 11.29
N LYS A 145 -20.22 -12.85 11.11
CA LYS A 145 -20.42 -11.87 12.17
C LYS A 145 -21.89 -11.48 12.32
N ASP A 146 -22.56 -11.18 11.21
CA ASP A 146 -23.95 -10.74 11.27
C ASP A 146 -24.91 -11.85 11.70
N LEU A 147 -24.64 -13.08 11.27
CA LEU A 147 -25.50 -14.22 11.55
C LEU A 147 -25.01 -15.07 12.74
N LYS A 148 -24.09 -14.54 13.54
CA LYS A 148 -23.57 -15.33 14.68
C LYS A 148 -24.69 -15.87 15.57
N ASP A 149 -25.71 -15.06 15.84
CA ASP A 149 -26.80 -15.53 16.71
C ASP A 149 -27.54 -16.71 16.09
N LEU A 150 -27.80 -16.67 14.78
CA LEU A 150 -28.47 -17.80 14.12
C LEU A 150 -27.58 -19.02 14.08
N LEU A 151 -26.29 -18.83 13.75
CA LEU A 151 -25.34 -19.95 13.76
C LEU A 151 -25.29 -20.62 15.11
N ASN A 152 -25.29 -19.82 16.19
CA ASN A 152 -25.22 -20.38 17.53
C ASN A 152 -26.56 -20.93 18.00
N LYS A 153 -27.67 -20.51 17.37
CA LYS A 153 -28.98 -21.03 17.78
C LYS A 153 -29.02 -22.54 17.64
N GLY A 154 -28.51 -23.05 16.52
CA GLY A 154 -28.29 -24.47 16.34
C GLY A 154 -29.52 -25.29 15.99
N ARG A 155 -30.73 -24.82 16.28
CA ARG A 155 -31.92 -25.65 16.08
C ARG A 155 -33.16 -24.77 16.19
N ASN A 156 -34.30 -25.37 15.85
CA ASN A 156 -35.61 -24.72 15.94
C ASN A 156 -35.70 -23.47 15.06
N TYR A 157 -35.20 -23.58 13.83
CA TYR A 157 -35.27 -22.49 12.88
C TYR A 157 -36.66 -22.38 12.29
N THR A 158 -37.08 -21.14 12.02
CA THR A 158 -38.38 -20.87 11.42
C THR A 158 -38.23 -20.58 9.93
N GLN A 159 -39.35 -20.68 9.20
CA GLN A 159 -39.33 -20.33 7.78
C GLN A 159 -38.90 -18.88 7.60
N GLU A 160 -39.33 -18.00 8.50
CA GLU A 160 -38.94 -16.59 8.44
C GLU A 160 -37.44 -16.41 8.57
N GLU A 161 -36.79 -17.16 9.47
CA GLU A 161 -35.34 -17.05 9.64
C GLU A 161 -34.62 -17.56 8.41
N LYS A 162 -35.08 -18.69 7.86
CA LYS A 162 -34.50 -19.20 6.63
C LYS A 162 -34.55 -18.17 5.51
N GLU A 163 -35.71 -17.53 5.33
CA GLU A 163 -35.84 -16.51 4.29
C GLU A 163 -34.94 -15.32 4.55
N TYR A 164 -34.75 -14.97 5.82
CA TYR A 164 -33.83 -13.89 6.18
C TYR A 164 -32.41 -14.23 5.76
N VAL A 165 -31.98 -15.46 6.01
CA VAL A 165 -30.65 -15.90 5.61
C VAL A 165 -30.51 -15.85 4.09
N LEU A 166 -31.50 -16.39 3.37
CA LEU A 166 -31.46 -16.34 1.92
C LEU A 166 -31.36 -14.90 1.40
N ASN A 167 -32.08 -13.97 2.03
CA ASN A 167 -31.98 -12.57 1.61
C ASN A 167 -30.58 -12.03 1.81
N LYS A 168 -29.94 -12.36 2.93
CA LYS A 168 -28.59 -11.85 3.19
C LYS A 168 -27.61 -12.47 2.20
N TYR A 169 -27.82 -13.75 1.88
CA TYR A 169 -26.93 -14.43 0.94
C TYR A 169 -27.01 -13.81 -0.44
N PHE A 170 -28.22 -13.45 -0.89
CA PHE A 170 -28.31 -12.83 -2.21
C PHE A 170 -27.73 -11.42 -2.21
N GLU A 171 -27.78 -10.70 -1.08
CA GLU A 171 -27.03 -9.44 -1.00
C GLU A 171 -25.53 -9.66 -1.24
N ILE A 172 -24.95 -10.71 -0.66
CA ILE A 172 -23.54 -10.99 -0.89
C ILE A 172 -23.30 -11.28 -2.36
N ILE A 173 -24.17 -12.09 -2.97
CA ILE A 173 -23.98 -12.43 -4.37
C ILE A 173 -24.01 -11.15 -5.21
N LYS A 174 -24.93 -10.24 -4.90
CA LYS A 174 -25.07 -9.01 -5.67
C LYS A 174 -23.84 -8.09 -5.53
N LYS A 175 -23.02 -8.28 -4.52
CA LYS A 175 -21.81 -7.48 -4.30
C LYS A 175 -20.54 -8.15 -4.78
N THR A 176 -20.65 -9.37 -5.34
CA THR A 176 -19.47 -10.22 -5.53
C THR A 176 -18.60 -9.70 -6.68
N LEU A 177 -19.18 -9.41 -7.85
CA LEU A 177 -18.32 -8.89 -8.92
C LEU A 177 -17.74 -7.52 -8.54
N SER A 178 -18.48 -6.73 -7.77
CA SER A 178 -18.01 -5.42 -7.35
C SER A 178 -16.75 -5.50 -6.50
N ILE A 179 -16.62 -6.53 -5.66
CA ILE A 179 -15.45 -6.54 -4.78
C ILE A 179 -14.19 -6.86 -5.57
N TYR A 180 -14.31 -7.65 -6.65
CA TYR A 180 -13.16 -7.89 -7.52
C TYR A 180 -12.75 -6.64 -8.25
N ARG A 181 -13.73 -5.91 -8.75
CA ARG A 181 -13.40 -4.63 -9.38
C ARG A 181 -12.78 -3.69 -8.37
N GLU A 182 -13.33 -3.63 -7.15
CA GLU A 182 -12.80 -2.69 -6.17
C GLU A 182 -11.34 -2.97 -5.85
N ILE A 183 -11.00 -4.24 -5.58
CA ILE A 183 -9.61 -4.48 -5.14
C ILE A 183 -8.63 -4.27 -6.30
N LYS A 184 -9.04 -4.58 -7.54
CA LYS A 184 -8.25 -4.24 -8.70
C LYS A 184 -8.02 -2.74 -8.79
N GLU A 185 -9.11 -1.98 -8.66
CA GLU A 185 -9.00 -0.52 -8.81
C GLU A 185 -8.16 0.09 -7.69
N GLU A 186 -8.19 -0.52 -6.51
CA GLU A 186 -7.41 -0.04 -5.36
C GLU A 186 -5.96 -0.53 -5.38
N GLY A 187 -5.56 -1.30 -6.39
CA GLY A 187 -4.18 -1.75 -6.46
C GLY A 187 -3.84 -2.83 -5.47
N LYS A 188 -4.85 -3.46 -4.87
CA LYS A 188 -4.61 -4.47 -3.84
C LYS A 188 -4.45 -5.86 -4.44
N GLY A 189 -4.83 -6.04 -5.69
CA GLY A 189 -4.66 -7.31 -6.36
C GLY A 189 -4.90 -7.16 -7.83
N SER A 190 -4.31 -8.08 -8.60
CA SER A 190 -4.64 -8.23 -10.00
C SER A 190 -5.76 -9.24 -10.16
N VAL A 191 -6.58 -9.06 -11.18
CA VAL A 191 -7.60 -10.04 -11.54
C VAL A 191 -7.31 -10.50 -12.96
N SER A 192 -7.18 -11.80 -13.14
CA SER A 192 -6.95 -12.44 -14.42
C SER A 192 -8.19 -13.21 -14.85
N THR A 193 -8.15 -13.70 -16.08
CA THR A 193 -9.18 -14.66 -16.50
C THR A 193 -8.53 -15.85 -17.20
N SER A 194 -9.36 -16.81 -17.61
CA SER A 194 -8.96 -17.99 -18.36
C SER A 194 -9.74 -18.08 -19.65
N PRO A 195 -9.24 -18.84 -20.64
CA PRO A 195 -10.08 -19.17 -21.80
C PRO A 195 -11.46 -19.61 -21.33
N TYR A 196 -12.49 -19.22 -22.10
CA TYR A 196 -13.82 -18.95 -21.57
C TYR A 196 -14.41 -20.09 -20.75
N TYR A 197 -14.48 -21.30 -21.31
CA TYR A 197 -15.15 -22.38 -20.57
C TYR A 197 -14.16 -23.31 -19.90
N HIS A 198 -12.96 -22.82 -19.61
CA HIS A 198 -11.94 -23.61 -18.90
C HIS A 198 -11.61 -24.92 -19.64
N PRO A 199 -11.27 -24.88 -20.91
CA PRO A 199 -10.88 -26.11 -21.63
C PRO A 199 -9.41 -26.47 -21.43
N LEU A 200 -9.01 -27.62 -21.98
CA LEU A 200 -7.61 -28.03 -22.10
C LEU A 200 -7.07 -27.53 -23.44
N ILE A 201 -6.56 -26.30 -23.46
CA ILE A 201 -6.12 -25.69 -24.71
C ILE A 201 -5.09 -26.54 -25.43
N PRO A 202 -4.10 -27.15 -24.77
CA PRO A 202 -3.11 -27.91 -25.56
C PRO A 202 -3.73 -29.05 -26.36
N ILE A 203 -4.72 -29.73 -25.80
CA ILE A 203 -5.38 -30.81 -26.54
C ILE A 203 -6.17 -30.25 -27.71
N LEU A 204 -6.90 -29.14 -27.51
CA LEU A 204 -7.65 -28.55 -28.62
C LEU A 204 -6.72 -28.14 -29.76
N LEU A 205 -5.53 -27.65 -29.43
CA LEU A 205 -4.61 -27.22 -30.48
C LEU A 205 -3.93 -28.40 -31.17
N ASN A 206 -3.60 -29.43 -30.41
CA ASN A 206 -2.79 -30.50 -30.97
C ASN A 206 -2.96 -31.72 -30.08
N PRO A 207 -3.96 -32.57 -30.33
CA PRO A 207 -4.17 -33.72 -29.42
C PRO A 207 -2.96 -34.62 -29.29
N ASN A 208 -2.08 -34.65 -30.31
CA ASN A 208 -0.90 -35.49 -30.26
C ASN A 208 0.06 -35.07 -29.15
N CYS A 209 -0.16 -33.92 -28.53
CA CYS A 209 0.75 -33.52 -27.46
C CYS A 209 0.63 -34.42 -26.22
N VAL A 210 -0.44 -35.22 -26.13
CA VAL A 210 -0.59 -36.15 -25.00
C VAL A 210 0.52 -37.20 -24.99
N TYR A 211 1.11 -37.49 -26.16
CA TYR A 211 2.15 -38.52 -26.24
C TYR A 211 3.50 -38.04 -25.70
N GLU A 212 3.65 -36.76 -25.41
CA GLU A 212 4.91 -36.24 -24.92
C GLU A 212 5.22 -36.77 -23.51
N THR A 213 4.21 -36.85 -22.64
CA THR A 213 4.38 -37.39 -21.29
C THR A 213 3.86 -38.83 -21.15
N THR A 214 2.84 -39.22 -21.91
CA THR A 214 2.29 -40.58 -21.84
C THR A 214 2.30 -41.17 -23.24
N PRO A 215 3.46 -41.65 -23.69
CA PRO A 215 3.58 -42.11 -25.09
C PRO A 215 2.74 -43.33 -25.40
N ASN A 216 2.36 -44.11 -24.39
CA ASN A 216 1.64 -45.36 -24.59
C ASN A 216 0.14 -45.20 -24.42
N VAL A 217 -0.34 -43.97 -24.26
CA VAL A 217 -1.77 -43.77 -24.05
C VAL A 217 -2.51 -44.00 -25.35
N LYS A 218 -3.79 -44.37 -25.24
CA LYS A 218 -4.68 -44.56 -26.37
C LYS A 218 -5.72 -43.45 -26.32
N ILE A 219 -5.84 -42.71 -27.41
CA ILE A 219 -6.80 -41.60 -27.46
C ILE A 219 -7.65 -41.80 -28.72
N PRO A 220 -8.80 -41.13 -28.81
CA PRO A 220 -9.64 -41.32 -29.99
C PRO A 220 -9.08 -40.66 -31.24
N ASP A 221 -9.75 -40.90 -32.35
CA ASP A 221 -9.36 -40.34 -33.64
C ASP A 221 -9.91 -38.91 -33.71
N PHE A 222 -9.02 -37.94 -33.55
CA PHE A 222 -9.39 -36.53 -33.67
C PHE A 222 -9.48 -36.13 -35.14
N ALA A 223 -10.54 -36.59 -35.78
CA ALA A 223 -10.77 -36.41 -37.21
C ALA A 223 -11.36 -35.04 -37.56
N VAL A 224 -11.27 -34.05 -36.67
CA VAL A 224 -11.75 -32.70 -36.93
C VAL A 224 -10.80 -31.77 -36.19
N SER A 225 -10.69 -30.53 -36.67
CA SER A 225 -9.81 -29.57 -36.01
C SER A 225 -10.55 -28.81 -34.90
N PHE A 226 -9.90 -28.70 -33.75
CA PHE A 226 -10.37 -27.86 -32.65
C PHE A 226 -9.52 -26.60 -32.51
N ARG A 227 -8.63 -26.32 -33.48
CA ARG A 227 -7.70 -25.21 -33.28
C ARG A 227 -8.41 -23.86 -33.26
N GLU A 228 -9.43 -23.68 -34.11
CA GLU A 228 -10.18 -22.43 -34.09
C GLU A 228 -10.96 -22.27 -32.79
N ASP A 229 -11.50 -23.37 -32.25
CA ASP A 229 -12.19 -23.31 -30.96
C ASP A 229 -11.24 -22.87 -29.85
N ALA A 230 -9.99 -23.37 -29.87
CA ALA A 230 -9.02 -22.92 -28.87
C ALA A 230 -8.86 -21.41 -28.92
N SER A 231 -8.72 -20.85 -30.12
CA SER A 231 -8.57 -19.40 -30.29
C SER A 231 -9.82 -18.68 -29.80
N LYS A 232 -10.99 -19.22 -30.12
CA LYS A 232 -12.25 -18.62 -29.69
C LYS A 232 -12.37 -18.57 -28.17
N HIS A 233 -12.00 -19.66 -27.46
CA HIS A 233 -12.04 -19.59 -26.00
C HIS A 233 -11.22 -18.42 -25.48
N VAL A 234 -10.04 -18.21 -26.07
CA VAL A 234 -9.19 -17.11 -25.58
C VAL A 234 -9.78 -15.76 -25.96
N GLU A 235 -10.25 -15.62 -27.19
CA GLU A 235 -10.79 -14.35 -27.66
C GLU A 235 -12.05 -13.97 -26.91
N LEU A 236 -12.94 -14.94 -26.68
CA LEU A 236 -14.18 -14.65 -25.96
C LEU A 236 -13.87 -14.26 -24.51
N ALA A 237 -12.85 -14.89 -23.92
CA ALA A 237 -12.47 -14.49 -22.56
C ALA A 237 -11.95 -13.06 -22.53
N LYS A 238 -11.14 -12.68 -23.51
CA LYS A 238 -10.66 -11.30 -23.59
C LYS A 238 -11.84 -10.34 -23.68
N GLU A 239 -12.87 -10.69 -24.46
CA GLU A 239 -14.03 -9.83 -24.57
C GLU A 239 -14.81 -9.77 -23.25
N LYS A 240 -14.93 -10.89 -22.54
CA LYS A 240 -15.65 -10.85 -21.26
C LYS A 240 -14.89 -10.01 -20.24
N TYR A 241 -13.57 -10.18 -20.20
CA TYR A 241 -12.71 -9.38 -19.33
C TYR A 241 -12.87 -7.89 -19.64
N PHE A 242 -12.91 -7.55 -20.91
CA PHE A 242 -13.12 -6.15 -21.30
C PHE A 242 -14.52 -5.65 -20.86
N GLU A 243 -15.55 -6.49 -20.95
CA GLU A 243 -16.87 -6.10 -20.46
C GLU A 243 -16.85 -5.81 -18.96
N ILE A 244 -16.12 -6.60 -18.18
CA ILE A 244 -16.16 -6.46 -16.74
C ILE A 244 -15.27 -5.31 -16.27
N PHE A 245 -14.06 -5.20 -16.84
CA PHE A 245 -13.02 -4.31 -16.33
C PHE A 245 -12.66 -3.19 -17.27
N GLY A 246 -13.15 -3.22 -18.51
CA GLY A 246 -12.95 -2.13 -19.44
C GLY A 246 -11.53 -2.02 -19.95
N GLU A 247 -10.73 -3.06 -19.79
CA GLU A 247 -9.38 -3.14 -20.33
C GLU A 247 -9.20 -4.55 -20.89
N HIS A 248 -8.18 -4.72 -21.80
CA HIS A 248 -7.93 -6.10 -22.18
C HIS A 248 -6.91 -6.74 -21.25
N PRO A 249 -7.02 -8.03 -20.98
CA PRO A 249 -6.09 -8.68 -20.06
C PRO A 249 -4.73 -8.96 -20.70
N VAL A 250 -3.67 -8.84 -19.89
CA VAL A 250 -2.32 -9.18 -20.33
C VAL A 250 -1.78 -10.39 -19.59
N TYR A 251 -2.52 -10.91 -18.64
CA TYR A 251 -2.18 -12.19 -18.05
C TYR A 251 -3.42 -13.09 -17.99
N MET A 252 -3.18 -14.39 -18.00
CA MET A 252 -4.24 -15.37 -17.93
C MET A 252 -3.74 -16.54 -17.12
N TRP A 253 -4.68 -17.21 -16.47
CA TRP A 253 -4.39 -18.49 -15.84
C TRP A 253 -4.76 -19.60 -16.81
N PRO A 254 -3.82 -20.43 -17.25
CA PRO A 254 -4.19 -21.53 -18.16
C PRO A 254 -4.86 -22.63 -17.34
N PRO A 255 -6.04 -23.08 -17.73
CA PRO A 255 -6.75 -24.08 -16.93
C PRO A 255 -5.89 -25.31 -16.65
N LEU A 256 -5.94 -25.76 -15.40
CA LEU A 256 -5.19 -26.91 -14.92
C LEU A 256 -3.68 -26.72 -15.08
N ALA A 257 -3.24 -25.45 -15.11
CA ALA A 257 -1.85 -25.08 -15.38
C ALA A 257 -1.39 -25.61 -16.74
N SER A 258 -2.32 -25.88 -17.66
CA SER A 258 -1.94 -26.68 -18.82
C SER A 258 -1.29 -25.84 -19.90
N VAL A 259 -0.09 -26.25 -20.30
CA VAL A 259 0.63 -25.54 -21.34
C VAL A 259 1.25 -26.55 -22.28
N SER A 260 1.64 -26.04 -23.45
CA SER A 260 2.36 -26.76 -24.48
C SER A 260 3.02 -25.68 -25.28
N ASN A 261 3.92 -26.07 -26.19
CA ASN A 261 4.57 -25.06 -27.02
C ASN A 261 3.54 -24.29 -27.85
N GLU A 262 2.60 -25.02 -28.49
CA GLU A 262 1.58 -24.37 -29.28
C GLU A 262 0.62 -23.53 -28.43
N ALA A 263 0.32 -23.96 -27.20
CA ALA A 263 -0.55 -23.16 -26.35
C ALA A 263 0.13 -21.85 -25.95
N LEU A 264 1.41 -21.93 -25.58
CA LEU A 264 2.12 -20.70 -25.23
C LEU A 264 2.19 -19.75 -26.42
N GLU A 265 2.39 -20.28 -27.63
CA GLU A 265 2.35 -19.44 -28.82
C GLU A 265 0.99 -18.78 -29.02
N LEU A 266 -0.11 -19.51 -28.75
CA LEU A 266 -1.45 -18.93 -28.89
C LEU A 266 -1.68 -17.81 -27.88
N TYR A 267 -1.34 -18.04 -26.62
CA TYR A 267 -1.49 -16.98 -25.63
C TYR A 267 -0.73 -15.72 -26.04
N TYR A 268 0.52 -15.88 -26.52
CA TYR A 268 1.29 -14.72 -26.93
C TYR A 268 0.63 -14.01 -28.10
N GLU A 269 0.15 -14.77 -29.10
CA GLU A 269 -0.51 -14.18 -30.25
C GLU A 269 -1.74 -13.36 -29.86
N LYS A 270 -2.42 -13.74 -28.79
CA LYS A 270 -3.63 -13.06 -28.34
C LYS A 270 -3.32 -11.93 -27.34
N GLY A 271 -2.05 -11.59 -27.19
CA GLY A 271 -1.67 -10.46 -26.35
C GLY A 271 -1.42 -10.76 -24.90
N ILE A 272 -1.35 -12.03 -24.51
CA ILE A 272 -1.04 -12.37 -23.14
C ILE A 272 0.48 -12.33 -22.96
N ASN A 273 0.96 -11.51 -22.02
CA ASN A 273 2.38 -11.33 -21.75
C ASN A 273 2.91 -12.18 -20.62
N MET A 274 2.02 -12.73 -19.79
CA MET A 274 2.46 -13.52 -18.65
C MET A 274 1.42 -14.57 -18.29
N LEU A 275 1.88 -15.76 -17.90
CA LEU A 275 1.01 -16.75 -17.26
C LEU A 275 1.83 -17.50 -16.21
N ALA A 276 1.15 -18.38 -15.48
CA ALA A 276 1.87 -19.29 -14.61
C ALA A 276 1.44 -20.72 -14.96
N THR A 277 2.27 -21.67 -14.57
CA THR A 277 1.99 -23.10 -14.75
C THR A 277 2.64 -23.83 -13.57
N ASP A 278 2.84 -25.12 -13.70
CA ASP A 278 3.20 -25.97 -12.57
C ASP A 278 4.65 -26.42 -12.60
N GLU A 279 5.17 -26.62 -11.38
CA GLU A 279 6.54 -27.07 -11.16
C GLU A 279 6.85 -28.42 -11.82
N VAL A 280 5.88 -29.34 -11.89
CA VAL A 280 6.15 -30.62 -12.57
C VAL A 280 6.44 -30.39 -14.05
N ILE A 281 5.72 -29.45 -14.68
CA ILE A 281 6.00 -29.19 -16.08
C ILE A 281 7.41 -28.62 -16.24
N LEU A 282 7.81 -27.72 -15.34
CA LEU A 282 9.17 -27.21 -15.33
C LEU A 282 10.18 -28.34 -15.28
N LYS A 283 9.99 -29.26 -14.33
CA LYS A 283 10.93 -30.36 -14.17
C LYS A 283 10.97 -31.25 -15.40
N ASN A 284 9.84 -31.39 -16.09
CA ASN A 284 9.81 -32.21 -17.31
C ASN A 284 10.45 -31.52 -18.52
N SER A 285 10.56 -30.20 -18.50
CA SER A 285 10.92 -29.41 -19.68
C SER A 285 12.34 -28.86 -19.63
N VAL A 286 12.80 -28.46 -18.45
CA VAL A 286 14.06 -27.75 -18.30
C VAL A 286 14.98 -28.55 -17.39
N GLU A 287 16.28 -28.49 -17.68
CA GLU A 287 17.30 -29.11 -16.84
C GLU A 287 17.26 -28.53 -15.43
N ARG A 288 17.54 -27.24 -15.29
CA ARG A 288 17.73 -26.58 -14.00
C ARG A 288 16.39 -25.99 -13.61
N ALA A 289 15.57 -26.80 -12.95
CA ALA A 289 14.18 -26.45 -12.71
C ALA A 289 14.05 -25.74 -11.36
N SER A 290 14.51 -24.48 -11.33
CA SER A 290 14.22 -23.62 -10.18
C SER A 290 12.88 -22.92 -10.37
N PRO A 291 11.91 -23.11 -9.46
CA PRO A 291 10.65 -22.40 -9.60
C PRO A 291 10.69 -20.94 -9.14
N TYR A 292 11.86 -20.38 -8.83
CA TYR A 292 11.89 -19.07 -8.18
C TYR A 292 12.31 -17.95 -9.11
N LEU A 293 12.37 -18.22 -10.41
CA LEU A 293 12.81 -17.26 -11.42
C LEU A 293 11.62 -16.82 -12.25
N ARG A 294 11.75 -15.66 -12.89
CA ARG A 294 10.85 -15.30 -13.98
C ARG A 294 11.44 -15.90 -15.26
N TYR A 295 10.68 -16.80 -15.90
CA TYR A 295 11.13 -17.40 -17.16
C TYR A 295 10.53 -16.67 -18.34
N TYR A 296 11.25 -16.68 -19.48
CA TYR A 296 10.70 -16.15 -20.73
C TYR A 296 10.66 -17.30 -21.73
N PHE A 297 9.45 -17.72 -22.09
CA PHE A 297 9.32 -18.75 -23.12
C PHE A 297 9.66 -18.14 -24.47
N ARG A 298 10.77 -18.60 -25.05
CA ARG A 298 11.26 -18.13 -26.36
C ARG A 298 11.38 -16.61 -26.41
N GLU A 299 11.64 -16.01 -25.24
CA GLU A 299 11.80 -14.56 -25.09
C GLU A 299 10.55 -13.77 -25.52
N LEU A 300 9.37 -14.40 -25.47
CA LEU A 300 8.12 -13.82 -25.95
C LEU A 300 7.07 -13.67 -24.87
N ILE A 301 6.94 -14.62 -23.95
CA ILE A 301 5.90 -14.58 -22.92
C ILE A 301 6.53 -14.95 -21.58
N SER A 302 6.23 -14.18 -20.54
CA SER A 302 6.77 -14.49 -19.22
C SER A 302 6.02 -15.64 -18.60
N VAL A 303 6.74 -16.53 -17.93
CA VAL A 303 6.13 -17.71 -17.32
C VAL A 303 6.70 -17.88 -15.92
N PHE A 304 5.82 -17.98 -14.93
CA PHE A 304 6.24 -18.39 -13.60
C PHE A 304 5.70 -19.77 -13.33
N PHE A 305 6.47 -20.54 -12.56
CA PHE A 305 6.06 -21.87 -12.17
C PHE A 305 5.73 -21.85 -10.69
N ARG A 306 4.52 -22.32 -10.34
CA ARG A 306 4.12 -22.28 -8.94
C ARG A 306 4.98 -23.22 -8.09
N ASP A 307 5.16 -22.84 -6.82
CA ASP A 307 5.76 -23.74 -5.85
C ASP A 307 4.69 -24.76 -5.49
N LYS A 308 4.86 -25.99 -5.99
CA LYS A 308 3.84 -27.00 -5.81
C LYS A 308 3.72 -27.41 -4.35
N THR A 309 4.85 -27.50 -3.64
CA THR A 309 4.78 -27.92 -2.26
C THR A 309 3.97 -26.95 -1.40
N LEU A 310 4.22 -25.63 -1.52
CA LEU A 310 3.47 -24.66 -0.74
C LEU A 310 2.00 -24.59 -1.17
N SER A 311 1.73 -24.71 -2.48
CA SER A 311 0.36 -24.69 -2.98
C SER A 311 -0.42 -25.90 -2.48
N ASP A 312 0.21 -27.06 -2.45
CA ASP A 312 -0.44 -28.28 -1.96
C ASP A 312 -0.59 -28.31 -0.45
N LEU A 313 0.30 -27.65 0.30
CA LEU A 313 0.08 -27.61 1.76
C LEU A 313 -1.20 -26.87 2.09
N ILE A 314 -1.41 -25.71 1.44
CA ILE A 314 -2.66 -24.99 1.67
C ILE A 314 -3.85 -25.80 1.15
N GLY A 315 -3.69 -26.43 0.00
CA GLY A 315 -4.84 -27.10 -0.58
C GLY A 315 -5.21 -28.40 0.10
N PHE A 316 -4.24 -29.12 0.67
CA PHE A 316 -4.46 -30.46 1.15
C PHE A 316 -3.97 -30.75 2.55
N SER A 317 -3.01 -30.02 3.11
CA SER A 317 -2.44 -30.35 4.41
C SER A 317 -3.07 -29.56 5.55
N TYR A 318 -3.06 -28.23 5.42
CA TYR A 318 -3.28 -27.34 6.57
C TYR A 318 -4.70 -27.37 7.10
N HIS A 319 -5.67 -27.89 6.34
CA HIS A 319 -7.02 -27.97 6.91
C HIS A 319 -7.04 -28.73 8.21
N ALA A 320 -6.07 -29.64 8.41
CA ALA A 320 -6.04 -30.52 9.57
C ALA A 320 -5.11 -30.04 10.67
N TRP A 321 -4.45 -28.90 10.51
CA TRP A 321 -3.57 -28.35 11.52
C TRP A 321 -4.29 -27.30 12.38
N ASN A 322 -3.79 -27.11 13.59
CA ASN A 322 -4.06 -25.90 14.35
C ASN A 322 -3.61 -24.72 13.52
N ALA A 323 -4.46 -23.69 13.39
CA ALA A 323 -4.18 -22.60 12.46
C ALA A 323 -2.84 -21.93 12.72
N GLU A 324 -2.52 -21.63 13.98
CA GLU A 324 -1.26 -20.95 14.26
C GLU A 324 -0.05 -21.81 13.85
N ASP A 325 -0.15 -23.13 14.04
CA ASP A 325 0.99 -23.99 13.66
C ASP A 325 1.13 -24.15 12.15
N ALA A 326 0.03 -24.13 11.40
CA ALA A 326 0.12 -24.15 9.94
C ALA A 326 0.78 -22.86 9.43
N VAL A 327 0.42 -21.72 10.03
CA VAL A 327 1.04 -20.45 9.61
C VAL A 327 2.52 -20.45 9.94
N ARG A 328 2.91 -20.91 11.13
CA ARG A 328 4.33 -20.99 11.47
C ARG A 328 5.07 -21.92 10.50
N ASP A 329 4.45 -23.04 10.12
CA ASP A 329 5.09 -23.94 9.15
C ASP A 329 5.31 -23.24 7.82
N PHE A 330 4.29 -22.52 7.35
CA PHE A 330 4.33 -21.86 6.06
C PHE A 330 5.41 -20.78 6.04
N ILE A 331 5.39 -19.89 7.03
CA ILE A 331 6.41 -18.84 7.12
C ILE A 331 7.79 -19.47 7.23
N GLY A 332 7.93 -20.53 8.03
CA GLY A 332 9.21 -21.20 8.17
C GLY A 332 9.74 -21.76 6.86
N ARG A 333 8.85 -22.31 6.03
CA ARG A 333 9.29 -22.78 4.71
C ARG A 333 9.71 -21.61 3.82
N LEU A 334 9.00 -20.48 3.88
CA LEU A 334 9.43 -19.31 3.11
C LEU A 334 10.80 -18.82 3.57
N LYS A 335 11.04 -18.79 4.88
CA LYS A 335 12.36 -18.43 5.39
C LYS A 335 13.45 -19.35 4.84
N LYS A 336 13.19 -20.65 4.76
CA LYS A 336 14.18 -21.57 4.19
C LYS A 336 14.44 -21.27 2.72
N ILE A 337 13.40 -20.97 1.94
CA ILE A 337 13.64 -20.54 0.55
C ILE A 337 14.50 -19.28 0.50
N HIS A 338 14.13 -18.30 1.32
CA HIS A 338 14.88 -17.03 1.37
C HIS A 338 16.35 -17.26 1.67
N GLU A 339 16.66 -18.18 2.59
CA GLU A 339 18.05 -18.43 2.95
C GLU A 339 18.77 -19.36 1.99
N SER A 340 18.06 -20.06 1.11
CA SER A 340 18.65 -21.07 0.25
C SER A 340 19.21 -20.51 -1.06
N VAL A 341 18.79 -19.32 -1.48
CA VAL A 341 19.20 -18.76 -2.76
C VAL A 341 19.92 -17.45 -2.51
N ASP A 342 20.75 -17.06 -3.48
CA ASP A 342 21.53 -15.84 -3.35
C ASP A 342 20.88 -14.63 -4.01
N PHE A 343 19.74 -14.80 -4.69
CA PHE A 343 19.01 -13.73 -5.35
C PHE A 343 17.68 -13.55 -4.62
N GLN A 344 16.81 -12.68 -5.17
CA GLN A 344 15.51 -12.46 -4.57
C GLN A 344 14.52 -13.40 -5.22
N PRO A 345 14.06 -14.47 -4.55
CA PRO A 345 13.20 -15.45 -5.20
C PRO A 345 11.79 -14.94 -5.36
N VAL A 346 11.12 -15.41 -6.40
CA VAL A 346 9.70 -15.16 -6.59
C VAL A 346 8.99 -16.48 -6.38
N VAL A 347 8.04 -16.49 -5.45
CA VAL A 347 7.35 -17.69 -5.02
C VAL A 347 5.88 -17.53 -5.36
N PHE A 348 5.43 -18.30 -6.35
CA PHE A 348 4.02 -18.31 -6.75
C PHE A 348 3.29 -19.41 -6.01
N VAL A 349 2.21 -19.04 -5.31
CA VAL A 349 1.33 -19.98 -4.63
C VAL A 349 0.01 -19.93 -5.39
N VAL A 350 -0.32 -21.00 -6.11
CA VAL A 350 -1.46 -20.97 -7.03
C VAL A 350 -2.28 -22.22 -6.81
N LEU A 351 -3.58 -22.05 -6.57
CA LEU A 351 -4.46 -23.20 -6.36
C LEU A 351 -5.88 -22.70 -6.46
N ASP A 352 -6.83 -23.66 -6.47
CA ASP A 352 -8.24 -23.28 -6.47
C ASP A 352 -8.50 -22.39 -5.26
N GLY A 353 -9.26 -21.33 -5.45
CA GLY A 353 -9.50 -20.41 -4.36
C GLY A 353 -10.72 -20.69 -3.54
N GLU A 354 -11.57 -21.68 -3.90
CA GLU A 354 -12.83 -21.89 -3.19
C GLU A 354 -13.05 -23.32 -2.68
N ASN A 355 -12.15 -24.26 -2.97
CA ASN A 355 -12.45 -25.69 -2.72
C ASN A 355 -11.82 -26.26 -1.46
N CYS A 356 -10.83 -25.61 -0.88
CA CYS A 356 -10.15 -26.24 0.26
C CYS A 356 -10.72 -25.79 1.62
N TRP A 357 -11.40 -24.67 1.68
CA TRP A 357 -11.74 -24.02 2.96
C TRP A 357 -12.82 -24.78 3.71
N GLU A 358 -13.71 -25.48 2.99
CA GLU A 358 -14.77 -26.19 3.69
C GLU A 358 -14.24 -27.31 4.57
N TYR A 359 -12.99 -27.71 4.38
CA TYR A 359 -12.37 -28.76 5.20
C TYR A 359 -11.61 -28.17 6.39
N TYR A 360 -11.46 -26.86 6.46
CA TYR A 360 -10.84 -26.21 7.61
C TYR A 360 -11.88 -25.86 8.67
N GLU A 361 -11.42 -25.81 9.92
CA GLU A 361 -12.21 -25.24 11.00
C GLU A 361 -12.70 -23.83 10.65
N GLU A 362 -13.99 -23.56 10.92
CA GLU A 362 -14.58 -22.24 10.64
C GLU A 362 -14.26 -21.74 9.23
N ASN A 363 -14.34 -22.66 8.25
CA ASN A 363 -14.17 -22.33 6.83
C ASN A 363 -12.84 -21.64 6.53
N GLY A 364 -11.79 -22.01 7.27
CA GLY A 364 -10.48 -21.43 7.00
C GLY A 364 -10.26 -20.03 7.53
N ILE A 365 -11.20 -19.47 8.29
CA ILE A 365 -11.10 -18.05 8.66
C ILE A 365 -10.00 -17.87 9.70
N PRO A 366 -9.89 -18.70 10.74
CA PRO A 366 -8.70 -18.57 11.62
C PRO A 366 -7.39 -18.67 10.88
N PHE A 367 -7.25 -19.67 10.01
CA PHE A 367 -6.02 -19.84 9.24
C PHE A 367 -5.69 -18.60 8.40
N LEU A 368 -6.64 -18.14 7.57
CA LEU A 368 -6.33 -17.03 6.67
C LEU A 368 -6.14 -15.73 7.45
N GLU A 369 -6.94 -15.50 8.49
CA GLU A 369 -6.70 -14.27 9.26
C GLU A 369 -5.32 -14.28 9.90
N LYS A 370 -4.90 -15.44 10.40
CA LYS A 370 -3.58 -15.51 11.00
C LYS A 370 -2.50 -15.39 9.94
N LEU A 371 -2.67 -16.07 8.82
CA LEU A 371 -1.66 -16.03 7.76
C LEU A 371 -1.48 -14.61 7.24
N TYR A 372 -2.57 -13.94 6.91
CA TYR A 372 -2.48 -12.58 6.38
C TYR A 372 -1.98 -11.58 7.40
N SER A 373 -2.46 -11.68 8.65
CA SER A 373 -1.95 -10.81 9.70
C SER A 373 -0.45 -10.99 9.90
N THR A 374 0.04 -12.23 9.76
CA THR A 374 1.47 -12.49 9.93
C THR A 374 2.27 -11.93 8.75
N LEU A 375 1.80 -12.16 7.53
CA LEU A 375 2.50 -11.62 6.37
C LEU A 375 2.57 -10.10 6.41
N GLU A 376 1.51 -9.46 6.93
CA GLU A 376 1.49 -8.01 7.10
C GLU A 376 2.71 -7.51 7.84
N LYS A 377 3.29 -8.34 8.72
CA LYS A 377 4.34 -7.90 9.62
C LYS A 377 5.75 -8.24 9.15
N GLU A 378 5.92 -9.14 8.18
CA GLU A 378 7.26 -9.59 7.80
C GLU A 378 7.95 -8.58 6.91
N GLU A 379 9.14 -8.12 7.32
CA GLU A 379 9.88 -7.13 6.53
C GLU A 379 10.55 -7.76 5.32
N TRP A 380 10.87 -9.05 5.38
CA TRP A 380 11.66 -9.68 4.32
C TRP A 380 10.78 -10.35 3.28
N ILE A 381 9.46 -10.35 3.48
CA ILE A 381 8.50 -10.85 2.48
C ILE A 381 7.73 -9.66 1.93
N GLU A 382 7.65 -9.58 0.61
CA GLU A 382 6.82 -8.59 -0.06
C GLU A 382 5.82 -9.35 -0.91
N THR A 383 4.53 -9.25 -0.58
CA THR A 383 3.53 -9.82 -1.48
C THR A 383 3.35 -8.90 -2.69
N LEU A 384 3.14 -9.53 -3.87
CA LEU A 384 3.06 -8.75 -5.11
C LEU A 384 1.74 -8.98 -5.83
N THR A 385 1.31 -7.97 -6.57
CA THR A 385 0.30 -8.22 -7.59
C THR A 385 0.94 -8.91 -8.81
N LEU A 386 0.07 -9.44 -9.68
CA LEU A 386 0.58 -10.03 -10.93
C LEU A 386 1.31 -9.00 -11.76
N GLU A 387 0.78 -7.78 -11.85
CA GLU A 387 1.45 -6.73 -12.59
C GLU A 387 2.84 -6.48 -12.00
N GLU A 388 2.93 -6.38 -10.68
CA GLU A 388 4.23 -6.14 -10.04
C GLU A 388 5.20 -7.30 -10.29
N ALA A 389 4.72 -8.55 -10.22
CA ALA A 389 5.59 -9.69 -10.52
C ALA A 389 6.10 -9.64 -11.97
N MET A 390 5.24 -9.24 -12.91
CA MET A 390 5.60 -9.19 -14.31
C MET A 390 6.72 -8.17 -14.56
N ARG A 391 6.72 -7.07 -13.80
CA ARG A 391 7.58 -5.93 -14.07
C ARG A 391 8.79 -5.84 -13.15
N LYS A 392 8.84 -6.64 -12.09
CA LYS A 392 9.87 -6.50 -11.06
C LYS A 392 11.27 -6.64 -11.65
N GLU A 393 12.12 -5.65 -11.44
CA GLU A 393 13.42 -5.68 -12.11
C GLU A 393 14.47 -6.47 -11.35
N ASP A 394 14.43 -6.48 -10.02
CA ASP A 394 15.51 -7.08 -9.24
C ASP A 394 15.25 -8.57 -8.96
N VAL A 395 14.91 -9.34 -10.00
CA VAL A 395 14.65 -10.77 -9.87
C VAL A 395 15.51 -11.49 -10.89
N LYS A 396 15.68 -12.78 -10.68
CA LYS A 396 16.51 -13.59 -11.58
C LYS A 396 15.63 -14.20 -12.68
N THR A 397 16.16 -14.24 -13.90
CA THR A 397 15.40 -14.67 -15.06
C THR A 397 16.19 -15.72 -15.84
N GLU A 398 15.46 -16.49 -16.67
CA GLU A 398 16.06 -17.44 -17.59
C GLU A 398 15.12 -17.62 -18.77
N VAL A 399 15.71 -18.04 -19.90
CA VAL A 399 14.95 -18.33 -21.12
C VAL A 399 14.66 -19.82 -21.18
N ILE A 400 13.46 -20.18 -21.63
CA ILE A 400 13.08 -21.57 -21.85
C ILE A 400 12.65 -21.71 -23.32
N GLU A 401 13.19 -22.71 -24.01
CA GLU A 401 12.92 -22.83 -25.44
C GLU A 401 11.84 -23.84 -25.77
N SER A 402 11.50 -24.73 -24.85
CA SER A 402 10.56 -25.80 -25.15
C SER A 402 9.99 -26.34 -23.84
N VAL A 403 8.67 -26.59 -23.82
CA VAL A 403 8.05 -27.29 -22.70
C VAL A 403 7.50 -28.63 -23.16
N LYS A 404 7.38 -29.54 -22.21
CA LYS A 404 6.68 -30.81 -22.39
C LYS A 404 5.23 -30.64 -21.95
N ALA A 405 4.28 -30.83 -22.89
CA ALA A 405 2.88 -30.55 -22.62
C ALA A 405 2.36 -31.34 -21.43
N GLY A 406 1.56 -30.69 -20.59
CA GLY A 406 0.99 -31.39 -19.46
C GLY A 406 0.07 -30.50 -18.68
N THR A 407 -0.28 -30.97 -17.49
CA THR A 407 -1.12 -30.24 -16.54
C THR A 407 -0.48 -30.32 -15.16
N TRP A 408 -1.13 -29.71 -14.18
CA TRP A 408 -0.64 -29.81 -12.81
C TRP A 408 -0.98 -31.14 -12.15
N PHE A 409 -1.66 -32.06 -12.85
CA PHE A 409 -1.86 -33.43 -12.32
C PHE A 409 -0.78 -34.31 -12.93
N ASP A 410 0.29 -34.52 -12.18
CA ASP A 410 1.40 -35.40 -12.57
C ASP A 410 2.06 -34.98 -13.88
N GLY A 411 1.86 -33.74 -14.33
CA GLY A 411 2.43 -33.27 -15.58
C GLY A 411 1.88 -33.92 -16.83
N ASN A 412 0.69 -34.52 -16.77
CA ASN A 412 0.16 -35.24 -17.92
C ASN A 412 -1.35 -35.05 -17.98
N PHE A 413 -1.99 -35.69 -18.95
CA PHE A 413 -3.39 -35.43 -19.26
C PHE A 413 -4.31 -36.57 -18.85
N LEU A 414 -3.83 -37.53 -18.06
CA LEU A 414 -4.57 -38.77 -17.88
C LEU A 414 -5.85 -38.60 -17.07
N LYS A 415 -6.05 -37.49 -16.34
CA LYS A 415 -7.33 -37.34 -15.66
C LYS A 415 -8.44 -36.86 -16.59
N TRP A 416 -8.12 -36.57 -17.86
CA TRP A 416 -9.14 -36.06 -18.78
C TRP A 416 -9.22 -36.85 -20.07
N ILE A 417 -8.28 -37.76 -20.34
CA ILE A 417 -8.26 -38.51 -21.59
C ILE A 417 -7.43 -39.76 -21.36
N GLY A 418 -7.66 -40.78 -22.20
CA GLY A 418 -6.80 -41.95 -22.21
C GLY A 418 -7.35 -43.19 -21.54
N ASN A 419 -8.59 -43.18 -21.06
CA ASN A 419 -9.24 -44.43 -20.69
C ASN A 419 -10.56 -44.54 -21.45
N LYS A 420 -11.20 -45.70 -21.36
CA LYS A 420 -12.35 -45.96 -22.22
C LYS A 420 -13.44 -44.94 -22.01
N GLU A 421 -13.76 -44.63 -20.75
CA GLU A 421 -14.89 -43.76 -20.46
C GLU A 421 -14.59 -42.31 -20.83
N LYS A 422 -13.42 -41.81 -20.45
CA LYS A 422 -13.04 -40.46 -20.84
C LYS A 422 -12.91 -40.35 -22.35
N ASN A 423 -12.34 -41.37 -23.00
CA ASN A 423 -12.24 -41.30 -24.46
C ASN A 423 -13.62 -41.22 -25.08
N GLU A 424 -14.64 -41.84 -24.47
CA GLU A 424 -15.97 -41.78 -25.04
C GLU A 424 -16.47 -40.34 -25.12
N TYR A 425 -16.16 -39.52 -24.11
CA TYR A 425 -16.55 -38.12 -24.17
C TYR A 425 -15.85 -37.39 -25.30
N TRP A 426 -14.57 -37.65 -25.52
CA TRP A 426 -13.87 -37.00 -26.63
C TRP A 426 -14.46 -37.45 -27.97
N LYS A 427 -14.78 -38.75 -28.10
CA LYS A 427 -15.40 -39.23 -29.34
C LYS A 427 -16.71 -38.51 -29.61
N ILE A 428 -17.54 -38.36 -28.57
CA ILE A 428 -18.81 -37.63 -28.69
C ILE A 428 -18.55 -36.20 -29.14
N LEU A 429 -17.57 -35.55 -28.53
CA LEU A 429 -17.29 -34.17 -28.85
C LEU A 429 -16.80 -34.04 -30.28
N ILE A 430 -15.94 -34.97 -30.72
CA ILE A 430 -15.41 -34.96 -32.08
C ILE A 430 -16.55 -35.07 -33.09
N GLU A 431 -17.46 -36.03 -32.89
CA GLU A 431 -18.59 -36.18 -33.79
C GLU A 431 -19.48 -34.95 -33.79
N ALA A 432 -19.73 -34.36 -32.62
CA ALA A 432 -20.64 -33.22 -32.55
C ALA A 432 -20.01 -32.00 -33.20
N LYS A 433 -18.68 -31.84 -33.04
CA LYS A 433 -17.99 -30.71 -33.63
C LYS A 433 -18.16 -30.68 -35.14
N LYS A 434 -18.19 -31.86 -35.76
CA LYS A 434 -18.40 -31.92 -37.20
C LYS A 434 -19.73 -31.32 -37.61
N LYS A 435 -20.72 -31.34 -36.72
CA LYS A 435 -22.06 -30.85 -37.03
C LYS A 435 -22.46 -29.64 -36.18
N ALA A 436 -21.52 -29.00 -35.51
CA ALA A 436 -21.87 -27.94 -34.55
C ALA A 436 -22.41 -26.70 -35.25
N LYS A 437 -23.35 -26.02 -34.59
CA LYS A 437 -24.01 -24.83 -35.13
C LYS A 437 -23.87 -23.59 -34.26
N ASN A 438 -23.41 -23.72 -33.02
CA ASN A 438 -23.41 -22.61 -32.10
C ASN A 438 -22.33 -22.85 -31.04
N ASP A 439 -22.18 -21.87 -30.14
CA ASP A 439 -21.11 -21.90 -29.15
C ASP A 439 -21.36 -22.86 -27.99
N TYR A 440 -22.47 -23.61 -27.96
CA TYR A 440 -22.55 -24.65 -26.97
C TYR A 440 -21.48 -25.72 -27.17
N ILE A 441 -20.91 -25.82 -28.39
CA ILE A 441 -19.78 -26.74 -28.56
C ILE A 441 -18.62 -26.29 -27.69
N LEU A 442 -18.46 -24.99 -27.49
CA LEU A 442 -17.41 -24.49 -26.60
C LEU A 442 -17.68 -24.86 -25.14
N VAL A 443 -18.94 -24.76 -24.71
CA VAL A 443 -19.29 -25.15 -23.34
C VAL A 443 -18.88 -26.60 -23.08
N ALA A 444 -19.14 -27.49 -24.06
CA ALA A 444 -18.86 -28.91 -23.94
C ALA A 444 -17.37 -29.20 -23.94
N GLU A 445 -16.55 -28.25 -24.35
CA GLU A 445 -15.09 -28.41 -24.29
C GLU A 445 -14.51 -28.14 -22.91
N GLY A 446 -15.32 -27.76 -21.92
CA GLY A 446 -14.77 -27.44 -20.62
C GLY A 446 -14.21 -28.68 -19.94
N SER A 447 -13.12 -28.48 -19.16
CA SER A 447 -12.38 -29.62 -18.61
C SER A 447 -13.21 -30.43 -17.63
N ASP A 448 -14.17 -29.78 -16.97
CA ASP A 448 -14.86 -30.44 -15.87
C ASP A 448 -15.56 -31.71 -16.30
N TRP A 449 -16.17 -31.70 -17.49
CA TRP A 449 -16.94 -32.88 -17.89
C TRP A 449 -16.06 -34.11 -17.98
N PHE A 450 -14.86 -33.93 -18.54
CA PHE A 450 -13.93 -35.04 -18.71
C PHE A 450 -13.35 -35.49 -17.38
N TRP A 451 -13.20 -34.54 -16.45
CA TRP A 451 -12.68 -34.84 -15.12
C TRP A 451 -13.59 -35.83 -14.38
N TRP A 452 -14.91 -35.57 -14.40
CA TRP A 452 -15.83 -36.41 -13.64
C TRP A 452 -16.16 -37.72 -14.35
N GLN A 453 -15.97 -37.81 -15.63
CA GLN A 453 -16.31 -39.00 -16.35
C GLN A 453 -15.38 -40.16 -16.08
N GLY A 454 -15.95 -41.33 -16.00
CA GLY A 454 -15.17 -42.53 -15.83
C GLY A 454 -14.32 -42.60 -14.61
N GLU A 455 -15.00 -42.32 -13.52
CA GLU A 455 -14.45 -42.36 -12.22
C GLU A 455 -15.44 -43.22 -11.45
N GLU A 456 -15.07 -43.54 -10.22
CA GLU A 456 -15.90 -44.29 -9.29
C GLU A 456 -17.19 -43.54 -9.14
N LYS A 457 -18.31 -44.23 -9.22
CA LYS A 457 -19.62 -43.64 -9.02
C LYS A 457 -19.71 -42.80 -7.75
N ALA A 458 -20.38 -41.66 -7.80
CA ALA A 458 -20.45 -40.77 -6.64
C ALA A 458 -21.71 -39.95 -6.64
N PRO A 459 -22.16 -39.48 -5.49
CA PRO A 459 -23.42 -38.73 -5.50
C PRO A 459 -23.34 -37.51 -6.41
N PHE A 460 -24.42 -37.30 -7.17
CA PHE A 460 -24.62 -36.13 -8.04
C PHE A 460 -23.70 -36.08 -9.26
N VAL A 461 -22.75 -36.99 -9.38
CA VAL A 461 -21.84 -36.84 -10.50
C VAL A 461 -22.52 -37.19 -11.82
N GLU A 462 -23.62 -37.94 -11.79
CA GLU A 462 -24.39 -38.18 -13.01
C GLU A 462 -25.02 -36.89 -13.55
N VAL A 463 -25.15 -35.85 -12.74
CA VAL A 463 -25.64 -34.58 -13.27
C VAL A 463 -24.65 -33.99 -14.25
N PHE A 464 -23.34 -34.14 -13.97
CA PHE A 464 -22.33 -33.61 -14.89
C PHE A 464 -22.47 -34.26 -16.26
N ASP A 465 -22.76 -35.56 -16.28
CA ASP A 465 -22.95 -36.28 -17.55
C ASP A 465 -24.19 -35.77 -18.28
N LYS A 466 -25.28 -35.49 -17.55
CA LYS A 466 -26.47 -34.94 -18.18
C LYS A 466 -26.19 -33.56 -18.79
N LEU A 467 -25.50 -32.69 -18.03
CA LEU A 467 -25.14 -31.38 -18.55
C LEU A 467 -24.28 -31.49 -19.81
N PHE A 468 -23.15 -32.23 -19.74
CA PHE A 468 -22.27 -32.37 -20.90
C PHE A 468 -23.07 -32.80 -22.13
N ARG A 469 -23.86 -33.85 -22.01
CA ARG A 469 -24.57 -34.37 -23.16
C ARG A 469 -25.66 -33.40 -23.63
N SER A 470 -26.26 -32.64 -22.70
CA SER A 470 -27.24 -31.65 -23.14
C SER A 470 -26.57 -30.53 -23.93
N PHE A 471 -25.40 -30.09 -23.50
CA PHE A 471 -24.69 -29.07 -24.26
C PHE A 471 -24.28 -29.59 -25.64
N VAL A 472 -23.83 -30.84 -25.71
CA VAL A 472 -23.45 -31.45 -26.98
C VAL A 472 -24.65 -31.50 -27.92
N ARG A 473 -25.84 -31.84 -27.39
CA ARG A 473 -27.06 -31.91 -28.19
C ARG A 473 -27.44 -30.52 -28.66
N ARG A 474 -27.42 -29.55 -27.75
CA ARG A 474 -27.82 -28.19 -28.10
C ARG A 474 -26.87 -27.60 -29.12
N ALA A 475 -25.60 -28.00 -29.08
CA ALA A 475 -24.59 -27.47 -30.00
C ALA A 475 -24.89 -27.81 -31.46
N GLN A 476 -25.67 -28.86 -31.70
CA GLN A 476 -25.94 -29.31 -33.05
C GLN A 476 -27.29 -28.84 -33.57
N GLU A 477 -28.00 -28.03 -32.79
CA GLU A 477 -29.32 -27.51 -33.19
C GLU A 477 -29.25 -26.03 -33.52
N LYS B 2 -18.74 7.26 5.66
CA LYS B 2 -17.95 7.79 6.77
C LYS B 2 -16.48 7.83 6.39
N LYS B 3 -15.93 9.01 6.14
CA LYS B 3 -14.53 9.15 5.78
C LYS B 3 -13.67 9.50 6.99
N LEU B 4 -12.39 9.15 6.89
CA LEU B 4 -11.35 9.76 7.74
C LEU B 4 -10.70 10.87 6.95
N PHE B 5 -10.60 12.06 7.52
CA PHE B 5 -9.92 13.17 6.86
C PHE B 5 -8.49 13.24 7.38
N LEU B 6 -7.53 13.25 6.45
CA LEU B 6 -6.10 13.21 6.77
C LEU B 6 -5.47 14.48 6.23
N VAL B 7 -4.69 15.17 7.04
CA VAL B 7 -4.12 16.47 6.67
C VAL B 7 -2.64 16.44 6.99
N PHE B 8 -1.81 16.38 5.95
CA PHE B 8 -0.36 16.51 6.11
C PHE B 8 0.03 17.98 6.06
N TRP B 9 0.87 18.41 7.00
CA TRP B 9 1.38 19.78 6.96
C TRP B 9 2.87 19.73 7.25
N TRP B 10 3.67 19.86 6.19
CA TRP B 10 5.11 19.70 6.24
C TRP B 10 5.75 21.07 6.43
N HIS B 11 6.50 21.26 7.51
CA HIS B 11 7.05 22.55 7.88
C HIS B 11 8.51 22.68 7.45
N MET B 12 8.81 23.69 6.65
CA MET B 12 10.14 23.89 6.07
C MET B 12 10.75 25.16 6.63
N HIS B 13 11.98 25.06 7.14
CA HIS B 13 12.60 26.24 7.73
C HIS B 13 14.11 26.10 7.76
N GLN B 14 14.82 27.22 7.58
CA GLN B 14 16.24 27.32 7.95
C GLN B 14 16.47 28.71 8.54
N PRO B 15 17.24 28.81 9.62
CA PRO B 15 17.67 30.13 10.09
C PRO B 15 18.64 30.75 9.11
N LEU B 16 18.90 32.04 9.29
CA LEU B 16 19.72 32.77 8.31
C LEU B 16 21.19 32.42 8.51
N TYR B 17 21.80 31.79 7.51
CA TYR B 17 23.20 31.41 7.57
C TYR B 17 24.13 32.47 6.99
N ARG B 18 23.56 33.56 6.44
CA ARG B 18 24.32 34.62 5.79
C ARG B 18 24.91 35.56 6.85
N GLU B 19 26.22 35.47 7.04
CA GLU B 19 26.93 36.38 7.94
C GLU B 19 26.77 37.81 7.45
N PRO B 20 26.37 38.76 8.31
CA PRO B 20 25.94 40.07 7.81
C PRO B 20 27.07 40.95 7.35
N TYR B 21 28.29 40.73 7.81
CA TYR B 21 29.38 41.61 7.43
C TYR B 21 30.05 41.14 6.16
N THR B 22 30.24 39.83 6.02
CA THR B 22 30.91 39.28 4.84
C THR B 22 29.96 38.82 3.76
N GLY B 23 28.69 38.62 4.08
CA GLY B 23 27.73 38.06 3.16
C GLY B 23 27.92 36.59 2.89
N GLU B 24 28.79 35.92 3.63
CA GLU B 24 29.05 34.51 3.42
C GLU B 24 28.04 33.62 4.13
N TYR B 25 27.54 32.60 3.42
CA TYR B 25 26.73 31.55 4.03
C TYR B 25 27.67 30.58 4.74
N LEU B 26 27.60 30.57 6.07
CA LEU B 26 28.62 29.88 6.86
C LEU B 26 28.33 28.40 7.04
N LEU B 27 27.09 27.97 6.83
CA LEU B 27 26.78 26.55 6.74
C LEU B 27 25.98 26.30 5.48
N PRO B 28 26.05 25.06 4.91
CA PRO B 28 25.41 24.79 3.61
C PRO B 28 24.03 24.15 3.73
N TRP B 29 23.44 24.18 4.93
CA TRP B 29 22.23 23.38 5.15
C TRP B 29 21.05 23.85 4.32
N THR B 30 20.94 25.14 4.00
CA THR B 30 19.86 25.56 3.12
C THR B 30 20.05 24.98 1.72
N PHE B 31 21.29 25.06 1.21
CA PHE B 31 21.59 24.47 -0.09
C PHE B 31 21.25 22.99 -0.11
N PHE B 32 21.74 22.24 0.88
CA PHE B 32 21.56 20.79 0.84
C PHE B 32 20.10 20.39 1.04
N HIS B 33 19.36 21.08 1.91
CA HIS B 33 17.94 20.72 2.01
C HIS B 33 17.11 21.25 0.86
N ALA B 34 17.56 22.31 0.18
CA ALA B 34 16.87 22.70 -1.04
C ALA B 34 16.99 21.63 -2.11
N VAL B 35 18.21 21.11 -2.33
CA VAL B 35 18.38 20.17 -3.44
C VAL B 35 17.77 18.81 -3.09
N LYS B 36 17.69 18.49 -1.78
CA LYS B 36 17.21 17.18 -1.37
C LYS B 36 15.72 17.15 -1.08
N ASP B 37 15.19 18.19 -0.43
CA ASP B 37 13.85 18.17 0.15
C ASP B 37 12.92 19.27 -0.33
N TYR B 38 13.38 20.51 -0.47
CA TYR B 38 12.42 21.61 -0.59
C TYR B 38 11.72 21.64 -1.95
N TYR B 39 12.39 21.22 -3.02
CA TYR B 39 11.70 21.01 -4.28
C TYR B 39 10.96 19.67 -4.27
N ASP B 40 11.63 18.63 -3.78
CA ASP B 40 11.10 17.30 -4.03
C ASP B 40 9.86 16.97 -3.18
N MET B 41 9.75 17.50 -1.97
CA MET B 41 8.58 17.20 -1.16
C MET B 41 7.30 17.65 -1.83
N PRO B 42 7.17 18.90 -2.29
CA PRO B 42 5.95 19.24 -3.04
C PRO B 42 5.89 18.58 -4.39
N ALA B 43 7.03 18.25 -4.99
CA ALA B 43 7.00 17.64 -6.31
C ALA B 43 6.40 16.22 -6.30
N TYR B 44 6.30 15.55 -5.14
CA TYR B 44 5.52 14.32 -5.09
C TYR B 44 4.10 14.53 -5.59
N LEU B 45 3.56 15.76 -5.46
CA LEU B 45 2.18 16.01 -5.87
C LEU B 45 2.02 15.95 -7.37
N LYS B 46 3.12 16.04 -8.12
CA LYS B 46 3.00 15.84 -9.56
C LYS B 46 2.66 14.39 -9.90
N ASP B 47 3.05 13.45 -9.03
CA ASP B 47 2.97 12.02 -9.33
C ASP B 47 1.90 11.28 -8.56
N PHE B 48 1.32 11.89 -7.52
CA PHE B 48 0.30 11.23 -6.70
C PHE B 48 -0.87 12.18 -6.52
N GLU B 49 -2.08 11.67 -6.72
CA GLU B 49 -3.29 12.49 -6.70
C GLU B 49 -3.87 12.56 -5.28
N ILE B 50 -3.10 13.21 -4.40
CA ILE B 50 -3.47 13.46 -3.00
C ILE B 50 -3.28 14.95 -2.72
N LYS B 51 -3.65 15.39 -1.53
CA LYS B 51 -3.38 16.76 -1.08
C LYS B 51 -2.28 16.73 -0.03
N LEU B 52 -1.36 17.70 -0.10
CA LEU B 52 -0.29 17.83 0.89
C LEU B 52 -0.07 19.31 1.10
N ASN B 53 0.08 19.73 2.35
CA ASN B 53 0.25 21.14 2.66
C ASN B 53 1.64 21.42 3.18
N PHE B 54 2.05 22.68 3.05
CA PHE B 54 3.42 23.07 3.36
C PHE B 54 3.44 24.38 4.11
N ASN B 55 4.39 24.50 5.01
CA ASN B 55 4.75 25.76 5.64
C ASN B 55 6.13 26.16 5.15
N LEU B 56 6.28 27.41 4.74
CA LEU B 56 7.60 27.96 4.37
C LEU B 56 7.87 29.18 5.24
N THR B 57 8.97 29.16 6.02
CA THR B 57 9.27 30.38 6.76
C THR B 57 9.82 31.47 5.83
N PRO B 58 9.57 32.73 6.14
CA PRO B 58 10.07 33.79 5.25
C PRO B 58 11.58 33.81 5.15
N VAL B 59 12.29 33.56 6.26
CA VAL B 59 13.75 33.56 6.19
C VAL B 59 14.26 32.42 5.30
N LEU B 60 13.56 31.27 5.25
CA LEU B 60 13.95 30.24 4.29
C LEU B 60 13.72 30.72 2.85
N ILE B 61 12.57 31.34 2.59
CA ILE B 61 12.28 31.82 1.25
C ILE B 61 13.35 32.78 0.78
N ASP B 62 13.77 33.73 1.65
CA ASP B 62 14.83 34.67 1.30
C ASP B 62 16.10 33.95 0.83
N GLN B 63 16.49 32.89 1.54
CA GLN B 63 17.73 32.18 1.22
C GLN B 63 17.60 31.37 -0.06
N ILE B 64 16.46 30.71 -0.26
CA ILE B 64 16.25 29.99 -1.52
C ILE B 64 16.38 30.96 -2.69
N GLN B 65 15.78 32.14 -2.56
CA GLN B 65 15.88 33.13 -3.63
C GLN B 65 17.34 33.48 -3.90
N GLU B 66 18.13 33.71 -2.84
CA GLU B 66 19.52 34.09 -3.06
C GLU B 66 20.30 32.99 -3.78
N TYR B 67 20.13 31.72 -3.38
CA TYR B 67 20.79 30.64 -4.10
C TYR B 67 20.29 30.57 -5.54
N ALA B 68 18.99 30.77 -5.74
CA ALA B 68 18.41 30.65 -7.08
C ALA B 68 18.94 31.73 -8.02
N GLN B 69 19.20 32.91 -7.48
CA GLN B 69 19.69 34.03 -8.28
C GLN B 69 21.21 34.00 -8.46
N GLY B 70 21.88 32.97 -7.94
CA GLY B 70 23.33 32.90 -8.07
C GLY B 70 24.07 33.90 -7.22
N LYS B 71 23.49 34.32 -6.09
CA LYS B 71 24.10 35.34 -5.24
C LYS B 71 24.63 34.81 -3.91
N ALA B 72 24.37 33.56 -3.56
CA ALA B 72 24.78 33.03 -2.26
C ALA B 72 26.24 32.59 -2.31
N LYS B 73 27.07 33.20 -1.47
CA LYS B 73 28.47 32.81 -1.35
C LYS B 73 28.57 31.80 -0.21
N ASP B 74 28.47 30.52 -0.55
CA ASP B 74 28.37 29.43 0.41
C ASP B 74 29.77 28.84 0.58
N VAL B 75 30.33 28.97 1.79
CA VAL B 75 31.75 28.62 1.99
C VAL B 75 31.97 27.12 1.88
N PHE B 76 31.06 26.29 2.42
CA PHE B 76 31.24 24.85 2.28
C PHE B 76 31.09 24.41 0.85
N LEU B 77 30.14 25.02 0.13
CA LEU B 77 29.94 24.65 -1.28
C LEU B 77 31.14 25.05 -2.12
N GLU B 78 31.74 26.21 -1.84
CA GLU B 78 32.99 26.58 -2.52
C GLU B 78 34.06 25.52 -2.36
N ALA B 79 34.17 24.92 -1.16
CA ALA B 79 35.17 23.89 -0.94
C ALA B 79 34.85 22.63 -1.73
N ILE B 80 33.56 22.32 -1.88
CA ILE B 80 33.14 21.20 -2.72
C ILE B 80 33.48 21.45 -4.18
N ARG B 81 33.18 22.66 -4.66
CA ARG B 81 33.28 22.92 -6.10
C ARG B 81 34.73 22.96 -6.58
N LYS B 82 35.67 23.40 -5.75
CA LYS B 82 37.04 23.59 -6.19
C LYS B 82 37.69 22.30 -6.67
N ASP B 83 38.61 22.42 -7.62
CA ASP B 83 39.53 21.33 -7.88
C ASP B 83 40.30 21.04 -6.59
N PRO B 84 40.49 19.77 -6.23
CA PRO B 84 41.15 19.48 -4.94
C PRO B 84 42.56 20.04 -4.82
N ASP B 85 43.27 20.23 -5.94
CA ASP B 85 44.57 20.88 -5.85
C ASP B 85 44.47 22.32 -5.34
N ASP B 86 43.27 22.89 -5.31
CA ASP B 86 43.05 24.25 -4.87
C ASP B 86 42.46 24.34 -3.47
N LEU B 87 42.20 23.21 -2.84
CA LEU B 87 41.65 23.21 -1.50
C LEU B 87 42.65 23.75 -0.49
N GLU B 88 42.18 24.65 0.36
CA GLU B 88 42.95 25.11 1.50
C GLU B 88 42.98 24.03 2.57
N LYS B 89 44.05 24.05 3.38
CA LYS B 89 44.12 23.13 4.52
C LYS B 89 42.86 23.24 5.38
N GLU B 90 42.39 24.47 5.60
CA GLU B 90 41.18 24.69 6.39
C GLU B 90 39.96 24.07 5.74
N GLU B 91 39.90 24.07 4.40
CA GLU B 91 38.75 23.52 3.69
C GLU B 91 38.76 21.99 3.72
N VAL B 92 39.95 21.38 3.63
CA VAL B 92 40.03 19.93 3.78
C VAL B 92 39.57 19.51 5.17
N GLU B 93 39.99 20.27 6.20
CA GLU B 93 39.56 19.96 7.56
C GLU B 93 38.05 20.03 7.70
N LYS B 94 37.43 21.08 7.14
CA LYS B 94 35.99 21.25 7.27
C LYS B 94 35.25 20.14 6.52
N LEU B 95 35.76 19.72 5.37
CA LEU B 95 35.12 18.67 4.60
C LEU B 95 35.16 17.35 5.35
N ILE B 96 36.28 17.05 6.01
CA ILE B 96 36.37 15.84 6.82
C ILE B 96 35.42 15.94 8.01
N GLU B 97 35.39 17.09 8.69
CA GLU B 97 34.48 17.25 9.81
C GLU B 97 33.02 17.09 9.37
N PHE B 98 32.66 17.66 8.21
CA PHE B 98 31.30 17.54 7.69
C PHE B 98 30.97 16.08 7.36
N THR B 99 31.93 15.37 6.76
CA THR B 99 31.72 13.95 6.49
C THR B 99 31.50 13.17 7.79
N LYS B 100 32.33 13.42 8.79
CA LYS B 100 32.21 12.68 10.06
C LYS B 100 30.88 12.94 10.75
N LEU B 101 30.33 14.15 10.62
CA LEU B 101 29.05 14.45 11.25
C LEU B 101 27.92 13.65 10.61
N ASN B 102 28.01 13.38 9.31
CA ASN B 102 26.94 12.77 8.52
C ASN B 102 27.15 11.29 8.26
N TYR B 103 28.31 10.79 8.65
CA TYR B 103 28.85 9.51 8.23
C TYR B 103 27.89 8.33 8.44
N GLU B 104 27.11 8.38 9.51
CA GLU B 104 26.30 7.24 9.92
C GLU B 104 24.90 7.26 9.34
N LYS B 105 24.54 8.28 8.60
CA LYS B 105 23.22 8.40 8.01
C LYS B 105 23.10 7.49 6.78
N PRO B 106 21.94 6.88 6.56
CA PRO B 106 21.78 6.01 5.39
C PRO B 106 22.04 6.68 4.05
N ILE B 107 21.77 7.99 3.91
CA ILE B 107 22.08 8.65 2.65
C ILE B 107 23.58 8.79 2.42
N TYR B 108 24.41 8.54 3.45
CA TYR B 108 25.87 8.51 3.32
C TYR B 108 26.43 7.11 3.21
N ARG B 109 25.56 6.11 3.01
CA ARG B 109 26.01 4.72 3.00
C ARG B 109 26.74 4.42 1.69
N PHE B 110 27.98 4.89 1.62
CA PHE B 110 28.92 4.56 0.54
C PHE B 110 30.14 3.91 1.15
N GLU B 111 30.46 2.70 0.70
CA GLU B 111 31.66 2.03 1.19
C GLU B 111 32.90 2.89 0.98
N ARG B 112 32.95 3.67 -0.11
CA ARG B 112 34.09 4.55 -0.34
C ARG B 112 34.23 5.59 0.77
N ILE B 113 33.13 6.05 1.36
CA ILE B 113 33.24 7.04 2.43
C ILE B 113 33.96 6.44 3.64
N ARG B 114 33.66 5.18 3.98
CA ARG B 114 34.34 4.56 5.11
C ARG B 114 35.81 4.34 4.82
N GLU B 115 36.16 4.08 3.56
CA GLU B 115 37.58 3.98 3.20
C GLU B 115 38.29 5.31 3.39
N LEU B 116 37.71 6.38 2.84
CA LEU B 116 38.35 7.70 2.89
C LEU B 116 38.54 8.17 4.33
N MET B 117 37.58 7.86 5.21
CA MET B 117 37.71 8.23 6.61
C MET B 117 38.76 7.40 7.35
N ASN B 118 39.17 6.26 6.77
CA ASN B 118 40.24 5.45 7.34
C ASN B 118 41.63 5.93 6.93
N LYS B 119 41.73 6.63 5.80
CA LYS B 119 43.03 7.01 5.27
C LYS B 119 43.61 8.17 6.06
N GLU B 120 44.93 8.17 6.23
CA GLU B 120 45.66 9.16 6.99
C GLU B 120 45.73 10.51 6.30
N LYS B 121 45.98 10.51 5.00
CA LYS B 121 46.07 11.71 4.19
C LYS B 121 45.44 11.39 2.85
N LEU B 122 44.81 12.37 2.24
CA LEU B 122 44.14 12.13 1.01
C LEU B 122 44.83 12.73 -0.17
N ASN B 123 44.93 11.97 -1.25
CA ASN B 123 45.46 12.51 -2.48
C ASN B 123 44.31 13.14 -3.29
N ARG B 124 44.65 13.66 -4.47
CA ARG B 124 43.65 14.40 -5.24
C ARG B 124 42.43 13.54 -5.55
N GLU B 125 42.65 12.29 -5.98
CA GLU B 125 41.53 11.44 -6.35
C GLU B 125 40.65 11.13 -5.15
N GLU B 126 41.26 10.96 -3.97
CA GLU B 126 40.47 10.70 -2.78
C GLU B 126 39.69 11.94 -2.35
N LEU B 127 40.29 13.13 -2.49
CA LEU B 127 39.57 14.35 -2.14
C LEU B 127 38.41 14.60 -3.10
N LEU B 128 38.60 14.33 -4.39
CA LEU B 128 37.48 14.46 -5.34
C LEU B 128 36.32 13.56 -4.95
N ASP B 129 36.62 12.33 -4.53
CA ASP B 129 35.56 11.42 -4.09
C ASP B 129 34.92 11.93 -2.81
N LEU B 130 35.71 12.54 -1.92
CA LEU B 130 35.12 13.10 -0.71
C LEU B 130 34.17 14.24 -1.04
N GLN B 131 34.60 15.16 -1.91
CA GLN B 131 33.73 16.25 -2.33
C GLN B 131 32.47 15.72 -3.00
N THR B 132 32.65 14.83 -3.97
CA THR B 132 31.51 14.47 -4.81
C THR B 132 30.53 13.58 -4.07
N LEU B 133 31.02 12.69 -3.21
CA LEU B 133 30.11 11.84 -2.43
C LEU B 133 29.33 12.68 -1.43
N ASN B 134 29.95 13.70 -0.83
CA ASN B 134 29.18 14.59 0.03
C ASN B 134 28.08 15.26 -0.75
N LEU B 135 28.37 15.67 -1.99
CA LEU B 135 27.35 16.27 -2.85
C LEU B 135 26.23 15.27 -3.16
N LEU B 136 26.60 14.08 -3.65
CA LEU B 136 25.60 13.11 -4.10
C LEU B 136 24.78 12.52 -2.96
N ALA B 137 25.30 12.53 -1.72
CA ALA B 137 24.51 12.03 -0.59
C ALA B 137 23.21 12.80 -0.44
N TRP B 138 23.17 14.07 -0.85
CA TRP B 138 21.98 14.90 -0.65
C TRP B 138 21.10 14.96 -1.90
N CYS B 139 21.30 14.02 -2.83
CA CYS B 139 20.50 14.01 -4.05
C CYS B 139 19.03 13.77 -3.72
N GLY B 140 18.14 14.61 -4.28
CA GLY B 140 16.71 14.42 -4.09
C GLY B 140 16.10 13.40 -5.07
N ARG B 141 14.80 13.13 -4.85
CA ARG B 141 14.10 12.10 -5.62
C ARG B 141 14.15 12.38 -7.13
N THR B 142 13.91 13.63 -7.54
CA THR B 142 13.85 13.94 -8.96
C THR B 142 15.15 13.58 -9.65
N LEU B 143 16.26 14.01 -9.07
CA LEU B 143 17.55 13.79 -9.73
C LEU B 143 18.13 12.43 -9.45
N ARG B 144 17.66 11.73 -8.41
CA ARG B 144 18.09 10.35 -8.20
C ARG B 144 17.74 9.48 -9.39
N LYS B 145 16.72 9.86 -10.15
CA LYS B 145 16.41 9.14 -11.38
C LYS B 145 17.37 9.52 -12.49
N ASP B 146 17.68 10.80 -12.65
CA ASP B 146 18.58 11.24 -13.72
C ASP B 146 20.03 10.88 -13.42
N LEU B 147 20.46 11.04 -12.17
CA LEU B 147 21.84 10.80 -11.76
C LEU B 147 22.07 9.38 -11.27
N LYS B 148 21.15 8.44 -11.57
CA LYS B 148 21.25 7.09 -11.04
C LYS B 148 22.58 6.45 -11.39
N ASP B 149 23.09 6.71 -12.59
CA ASP B 149 24.37 6.14 -13.03
C ASP B 149 25.53 6.61 -12.15
N LEU B 150 25.63 7.92 -11.92
CA LEU B 150 26.71 8.44 -11.08
C LEU B 150 26.59 7.94 -9.65
N LEU B 151 25.37 7.80 -9.14
CA LEU B 151 25.17 7.35 -7.77
C LEU B 151 25.71 5.94 -7.56
N ASN B 152 25.39 5.03 -8.50
CA ASN B 152 25.81 3.64 -8.39
C ASN B 152 27.31 3.46 -8.57
N LYS B 153 27.99 4.48 -9.11
CA LYS B 153 29.43 4.41 -9.30
C LYS B 153 30.15 4.39 -7.95
N GLY B 154 29.76 5.26 -7.03
CA GLY B 154 30.22 5.22 -5.66
C GLY B 154 31.66 5.64 -5.39
N ARG B 155 32.48 5.83 -6.43
CA ARG B 155 33.89 6.14 -6.25
C ARG B 155 34.45 6.64 -7.58
N ASN B 156 35.70 7.10 -7.55
CA ASN B 156 36.45 7.47 -8.76
C ASN B 156 35.77 8.59 -9.55
N TYR B 157 35.25 9.60 -8.85
CA TYR B 157 34.56 10.71 -9.50
C TYR B 157 35.56 11.68 -10.09
N THR B 158 35.15 12.37 -11.16
CA THR B 158 35.98 13.37 -11.80
C THR B 158 35.43 14.76 -11.52
N GLN B 159 36.28 15.76 -11.73
CA GLN B 159 35.86 17.15 -11.55
C GLN B 159 34.66 17.47 -12.44
N GLU B 160 34.64 16.93 -13.66
CA GLU B 160 33.54 17.21 -14.56
C GLU B 160 32.23 16.60 -14.06
N GLU B 161 32.28 15.38 -13.52
CA GLU B 161 31.10 14.75 -12.96
C GLU B 161 30.57 15.56 -11.79
N LYS B 162 31.47 16.04 -10.96
CA LYS B 162 31.07 16.86 -9.81
C LYS B 162 30.41 18.16 -10.28
N GLU B 163 30.97 18.80 -11.31
CA GLU B 163 30.42 20.06 -11.82
C GLU B 163 29.06 19.84 -12.46
N TYR B 164 28.89 18.72 -13.17
CA TYR B 164 27.60 18.36 -13.74
C TYR B 164 26.53 18.23 -12.66
N VAL B 165 26.84 17.52 -11.57
CA VAL B 165 25.89 17.39 -10.48
C VAL B 165 25.52 18.76 -9.93
N LEU B 166 26.52 19.64 -9.76
CA LEU B 166 26.27 20.96 -9.19
C LEU B 166 25.32 21.75 -10.06
N ASN B 167 25.51 21.68 -11.39
CA ASN B 167 24.62 22.39 -12.31
C ASN B 167 23.20 21.88 -12.22
N LYS B 168 23.02 20.55 -12.13
CA LYS B 168 21.67 20.01 -12.00
C LYS B 168 21.04 20.40 -10.67
N TYR B 169 21.84 20.39 -9.59
CA TYR B 169 21.35 20.85 -8.30
C TYR B 169 20.85 22.28 -8.37
N PHE B 170 21.58 23.16 -9.06
CA PHE B 170 21.13 24.54 -9.12
C PHE B 170 19.89 24.68 -9.97
N GLU B 171 19.71 23.82 -10.97
CA GLU B 171 18.46 23.82 -11.72
C GLU B 171 17.28 23.52 -10.82
N ILE B 172 17.44 22.55 -9.90
CA ILE B 172 16.37 22.25 -8.95
C ILE B 172 16.08 23.45 -8.05
N ILE B 173 17.11 24.15 -7.57
CA ILE B 173 16.84 25.28 -6.68
C ILE B 173 16.05 26.36 -7.40
N LYS B 174 16.40 26.61 -8.66
CA LYS B 174 15.71 27.63 -9.46
C LYS B 174 14.23 27.30 -9.71
N LYS B 175 13.83 26.04 -9.60
CA LYS B 175 12.42 25.65 -9.77
C LYS B 175 11.67 25.55 -8.45
N THR B 176 12.33 25.80 -7.32
CA THR B 176 11.74 25.44 -6.03
C THR B 176 10.55 26.33 -5.68
N LEU B 177 10.70 27.65 -5.74
CA LEU B 177 9.53 28.47 -5.40
C LEU B 177 8.39 28.23 -6.39
N SER B 178 8.73 27.92 -7.65
CA SER B 178 7.72 27.69 -8.66
C SER B 178 6.83 26.49 -8.32
N ILE B 179 7.41 25.42 -7.76
CA ILE B 179 6.55 24.26 -7.53
C ILE B 179 5.53 24.57 -6.42
N TYR B 180 5.92 25.35 -5.40
CA TYR B 180 4.97 25.71 -4.35
C TYR B 180 3.83 26.55 -4.91
N ARG B 181 4.15 27.50 -5.79
CA ARG B 181 3.11 28.27 -6.46
C ARG B 181 2.19 27.35 -7.24
N GLU B 182 2.74 26.36 -7.93
CA GLU B 182 1.93 25.51 -8.81
C GLU B 182 0.96 24.65 -8.01
N ILE B 183 1.44 23.99 -6.95
CA ILE B 183 0.54 23.10 -6.22
C ILE B 183 -0.52 23.91 -5.49
N LYS B 184 -0.19 25.14 -5.09
CA LYS B 184 -1.22 26.01 -4.50
C LYS B 184 -2.29 26.38 -5.51
N GLU B 185 -1.86 26.82 -6.71
CA GLU B 185 -2.82 27.23 -7.72
C GLU B 185 -3.68 26.08 -8.19
N GLU B 186 -3.16 24.86 -8.17
CA GLU B 186 -3.92 23.70 -8.63
C GLU B 186 -4.80 23.11 -7.55
N GLY B 187 -4.83 23.71 -6.37
CA GLY B 187 -5.64 23.15 -5.31
C GLY B 187 -5.11 21.85 -4.75
N LYS B 188 -3.84 21.53 -5.02
CA LYS B 188 -3.26 20.29 -4.50
C LYS B 188 -2.71 20.46 -3.09
N GLY B 189 -2.54 21.68 -2.62
CA GLY B 189 -2.11 21.90 -1.26
C GLY B 189 -2.24 23.37 -0.93
N SER B 190 -2.32 23.64 0.37
CA SER B 190 -2.27 25.00 0.87
C SER B 190 -0.82 25.27 1.27
N VAL B 191 -0.41 26.54 1.18
CA VAL B 191 0.90 26.94 1.67
C VAL B 191 0.70 27.99 2.75
N SER B 192 1.29 27.75 3.92
CA SER B 192 1.29 28.66 5.06
C SER B 192 2.66 29.29 5.20
N THR B 193 2.75 30.21 6.15
CA THR B 193 4.03 30.79 6.54
C THR B 193 4.02 30.90 8.06
N SER B 194 5.15 31.32 8.61
CA SER B 194 5.34 31.56 10.03
C SER B 194 5.82 32.98 10.24
N PRO B 195 5.67 33.54 11.46
CA PRO B 195 6.38 34.79 11.78
C PRO B 195 7.83 34.74 11.28
N TYR B 196 8.31 35.88 10.78
CA TYR B 196 9.38 35.93 9.76
C TYR B 196 10.60 35.06 10.11
N TYR B 197 11.21 35.27 11.27
CA TYR B 197 12.45 34.56 11.58
C TYR B 197 12.24 33.38 12.51
N HIS B 198 11.03 32.85 12.56
CA HIS B 198 10.72 31.66 13.35
C HIS B 198 11.04 31.88 14.82
N PRO B 199 10.55 32.94 15.45
CA PRO B 199 10.77 33.13 16.89
C PRO B 199 9.76 32.35 17.73
N LEU B 200 10.00 32.39 19.05
CA LEU B 200 9.03 31.92 20.04
C LEU B 200 8.12 33.09 20.41
N ILE B 201 7.05 33.26 19.62
CA ILE B 201 6.10 34.37 19.82
C ILE B 201 5.59 34.45 21.26
N PRO B 202 5.22 33.36 21.93
CA PRO B 202 4.70 33.52 23.31
C PRO B 202 5.69 34.17 24.27
N ILE B 203 6.99 33.89 24.12
CA ILE B 203 8.00 34.51 24.98
C ILE B 203 8.18 35.98 24.63
N LEU B 204 8.24 36.31 23.33
CA LEU B 204 8.37 37.73 22.98
C LEU B 204 7.19 38.55 23.51
N LEU B 205 5.98 37.97 23.50
CA LEU B 205 4.82 38.70 24.03
C LEU B 205 4.83 38.76 25.55
N ASN B 206 5.23 37.67 26.21
CA ASN B 206 5.12 37.64 27.66
C ASN B 206 6.04 36.56 28.20
N PRO B 207 7.28 36.88 28.54
CA PRO B 207 8.19 35.84 29.05
C PRO B 207 7.68 35.06 30.24
N ASN B 208 6.78 35.63 31.04
CA ASN B 208 6.26 34.93 32.20
C ASN B 208 5.39 33.72 31.84
N CYS B 209 5.02 33.56 30.58
CA CYS B 209 4.21 32.40 30.20
C CYS B 209 4.97 31.09 30.39
N VAL B 210 6.30 31.13 30.55
CA VAL B 210 7.04 29.90 30.79
C VAL B 210 6.65 29.28 32.13
N TYR B 211 6.18 30.10 33.07
CA TYR B 211 5.80 29.58 34.37
C TYR B 211 4.47 28.82 34.37
N GLU B 212 3.75 28.82 33.24
CA GLU B 212 2.50 28.05 33.19
C GLU B 212 2.76 26.55 33.20
N THR B 213 3.91 26.11 32.69
CA THR B 213 4.27 24.69 32.69
C THR B 213 5.49 24.35 33.54
N THR B 214 6.42 25.29 33.72
CA THR B 214 7.66 25.04 34.47
C THR B 214 7.88 26.19 35.45
N PRO B 215 7.17 26.18 36.58
CA PRO B 215 7.24 27.33 37.50
C PRO B 215 8.61 27.51 38.17
N ASN B 216 9.47 26.49 38.18
CA ASN B 216 10.75 26.59 38.85
C ASN B 216 11.88 27.04 37.94
N VAL B 217 11.59 27.40 36.70
CA VAL B 217 12.64 27.81 35.78
C VAL B 217 13.13 29.21 36.16
N LYS B 218 14.43 29.45 35.96
CA LYS B 218 15.01 30.79 36.10
C LYS B 218 15.12 31.42 34.72
N ILE B 219 14.70 32.68 34.60
CA ILE B 219 14.82 33.40 33.33
C ILE B 219 15.49 34.73 33.60
N PRO B 220 16.10 35.34 32.59
CA PRO B 220 16.74 36.64 32.80
C PRO B 220 15.73 37.77 32.98
N ASP B 221 16.28 38.93 33.30
CA ASP B 221 15.52 40.18 33.47
C ASP B 221 15.17 40.75 32.10
N PHE B 222 13.91 40.57 31.68
CA PHE B 222 13.45 41.12 30.40
C PHE B 222 13.16 42.61 30.55
N ALA B 223 14.24 43.40 30.67
CA ALA B 223 14.14 44.83 30.93
C ALA B 223 13.66 45.65 29.74
N VAL B 224 13.32 45.03 28.60
CA VAL B 224 12.72 45.72 27.46
C VAL B 224 11.57 44.88 26.93
N SER B 225 10.66 45.53 26.22
CA SER B 225 9.52 44.86 25.63
C SER B 225 9.85 44.33 24.23
N PHE B 226 9.49 43.07 23.99
CA PHE B 226 9.57 42.45 22.66
C PHE B 226 8.20 42.32 22.01
N ARG B 227 7.18 42.98 22.55
CA ARG B 227 5.81 42.81 22.05
C ARG B 227 5.64 43.38 20.65
N GLU B 228 6.19 44.58 20.39
CA GLU B 228 6.11 45.10 19.03
C GLU B 228 6.91 44.26 18.04
N ASP B 229 8.03 43.67 18.48
CA ASP B 229 8.77 42.79 17.56
C ASP B 229 7.96 41.54 17.23
N ALA B 230 7.21 41.01 18.19
CA ALA B 230 6.34 39.87 17.89
C ALA B 230 5.37 40.23 16.77
N SER B 231 4.76 41.42 16.85
CA SER B 231 3.87 41.87 15.78
C SER B 231 4.63 42.02 14.46
N LYS B 232 5.83 42.60 14.52
CA LYS B 232 6.61 42.79 13.30
C LYS B 232 6.92 41.46 12.61
N HIS B 233 7.28 40.42 13.38
CA HIS B 233 7.52 39.11 12.76
C HIS B 233 6.29 38.64 11.98
N VAL B 234 5.10 38.80 12.58
CA VAL B 234 3.90 38.33 11.91
C VAL B 234 3.57 39.23 10.73
N GLU B 235 3.70 40.54 10.92
CA GLU B 235 3.36 41.48 9.85
C GLU B 235 4.30 41.32 8.65
N LEU B 236 5.61 41.23 8.91
CA LEU B 236 6.55 41.05 7.81
C LEU B 236 6.38 39.71 7.10
N ALA B 237 5.99 38.67 7.84
CA ALA B 237 5.70 37.40 7.18
C ALA B 237 4.49 37.53 6.25
N LYS B 238 3.43 38.20 6.70
CA LYS B 238 2.31 38.45 5.81
C LYS B 238 2.76 39.12 4.52
N GLU B 239 3.66 40.11 4.64
CA GLU B 239 4.12 40.84 3.46
C GLU B 239 4.94 39.96 2.53
N LYS B 240 5.82 39.13 3.10
CA LYS B 240 6.66 38.26 2.26
C LYS B 240 5.79 37.25 1.52
N TYR B 241 4.82 36.66 2.21
CA TYR B 241 3.90 35.72 1.60
C TYR B 241 3.10 36.38 0.47
N PHE B 242 2.62 37.60 0.72
CA PHE B 242 1.96 38.39 -0.32
C PHE B 242 2.86 38.57 -1.53
N GLU B 243 4.15 38.83 -1.31
CA GLU B 243 5.06 39.00 -2.45
C GLU B 243 5.15 37.74 -3.28
N ILE B 244 5.18 36.57 -2.62
CA ILE B 244 5.46 35.32 -3.29
C ILE B 244 4.19 34.77 -3.94
N PHE B 245 3.06 34.79 -3.21
CA PHE B 245 1.82 34.18 -3.65
C PHE B 245 0.72 35.17 -3.97
N GLY B 246 0.89 36.44 -3.64
CA GLY B 246 -0.06 37.44 -4.09
C GLY B 246 -1.34 37.51 -3.29
N GLU B 247 -1.40 36.88 -2.13
CA GLU B 247 -2.55 37.01 -1.24
C GLU B 247 -2.02 37.06 0.18
N HIS B 248 -2.83 37.55 1.08
CA HIS B 248 -2.39 37.50 2.47
C HIS B 248 -2.66 36.12 3.04
N PRO B 249 -1.76 35.59 3.87
CA PRO B 249 -1.97 34.23 4.40
C PRO B 249 -3.05 34.22 5.47
N VAL B 250 -3.94 33.24 5.40
CA VAL B 250 -4.93 33.03 6.45
C VAL B 250 -4.59 31.82 7.32
N TYR B 251 -3.55 31.07 6.97
CA TYR B 251 -3.03 29.97 7.76
C TYR B 251 -1.60 30.28 8.15
N MET B 252 -1.27 30.01 9.40
CA MET B 252 0.12 30.15 9.83
C MET B 252 0.47 28.94 10.67
N TRP B 253 1.73 28.54 10.58
CA TRP B 253 2.27 27.54 11.48
C TRP B 253 2.99 28.27 12.59
N PRO B 254 2.57 28.14 13.83
CA PRO B 254 3.31 28.78 14.92
C PRO B 254 4.59 28.03 15.16
N PRO B 255 5.74 28.71 15.12
CA PRO B 255 7.01 27.98 15.29
C PRO B 255 7.03 27.15 16.57
N LEU B 256 7.53 25.92 16.45
CA LEU B 256 7.61 24.94 17.55
C LEU B 256 6.23 24.61 18.10
N ALA B 257 5.19 24.77 17.29
CA ALA B 257 3.81 24.63 17.71
C ALA B 257 3.46 25.56 18.87
N SER B 258 4.21 26.65 19.04
CA SER B 258 4.16 27.40 20.29
C SER B 258 2.97 28.34 20.31
N VAL B 259 2.13 28.20 21.33
CA VAL B 259 0.97 29.06 21.48
C VAL B 259 0.84 29.43 22.94
N SER B 260 0.06 30.47 23.18
CA SER B 260 -0.36 30.96 24.47
C SER B 260 -1.62 31.74 24.22
N ASN B 261 -2.33 32.12 25.30
CA ASN B 261 -3.50 32.96 25.10
C ASN B 261 -3.13 34.24 24.35
N GLU B 262 -2.04 34.90 24.75
CA GLU B 262 -1.65 36.15 24.10
C GLU B 262 -1.22 35.91 22.66
N ALA B 263 -0.54 34.80 22.39
CA ALA B 263 -0.09 34.56 21.02
C ALA B 263 -1.26 34.27 20.10
N LEU B 264 -2.25 33.50 20.56
CA LEU B 264 -3.44 33.26 19.74
C LEU B 264 -4.20 34.55 19.45
N GLU B 265 -4.28 35.45 20.45
CA GLU B 265 -4.88 36.76 20.23
C GLU B 265 -4.14 37.54 19.15
N LEU B 266 -2.80 37.53 19.20
CA LEU B 266 -2.00 38.23 18.19
C LEU B 266 -2.26 37.66 16.79
N TYR B 267 -2.24 36.34 16.63
CA TYR B 267 -2.51 35.75 15.32
C TYR B 267 -3.90 36.17 14.84
N TYR B 268 -4.88 36.15 15.74
CA TYR B 268 -6.23 36.58 15.37
C TYR B 268 -6.24 38.04 14.93
N GLU B 269 -5.60 38.92 15.71
CA GLU B 269 -5.56 40.34 15.38
C GLU B 269 -4.94 40.60 14.00
N LYS B 270 -4.01 39.75 13.58
CA LYS B 270 -3.31 39.90 12.32
C LYS B 270 -4.01 39.20 11.17
N GLY B 271 -5.23 38.69 11.38
CA GLY B 271 -6.01 38.11 10.30
C GLY B 271 -5.79 36.64 10.02
N ILE B 272 -5.11 35.91 10.89
CA ILE B 272 -4.96 34.47 10.71
C ILE B 272 -6.26 33.78 11.15
N ASN B 273 -6.80 32.92 10.29
CA ASN B 273 -8.03 32.22 10.61
C ASN B 273 -7.82 30.82 11.17
N MET B 274 -6.67 30.20 10.90
CA MET B 274 -6.43 28.87 11.44
C MET B 274 -4.94 28.65 11.66
N LEU B 275 -4.62 27.89 12.70
CA LEU B 275 -3.29 27.40 12.90
C LEU B 275 -3.41 26.00 13.49
N ALA B 276 -2.27 25.33 13.64
CA ALA B 276 -2.27 24.07 14.37
C ALA B 276 -1.22 24.14 15.48
N THR B 277 -1.39 23.26 16.45
CA THR B 277 -0.41 23.16 17.52
C THR B 277 -0.39 21.70 17.96
N ASP B 278 0.15 21.44 19.14
CA ASP B 278 0.46 20.09 19.56
C ASP B 278 -0.56 19.50 20.53
N GLU B 279 -0.72 18.18 20.43
CA GLU B 279 -1.63 17.44 21.30
C GLU B 279 -1.28 17.55 22.79
N VAL B 280 -0.01 17.70 23.16
CA VAL B 280 0.34 17.85 24.58
C VAL B 280 -0.26 19.14 25.12
N ILE B 281 -0.23 20.21 24.32
CA ILE B 281 -0.82 21.48 24.75
C ILE B 281 -2.33 21.34 24.95
N LEU B 282 -3.00 20.58 24.07
CA LEU B 282 -4.43 20.29 24.25
C LEU B 282 -4.68 19.53 25.55
N LYS B 283 -3.90 18.47 25.80
CA LYS B 283 -4.11 17.69 27.03
C LYS B 283 -3.90 18.56 28.26
N ASN B 284 -2.98 19.52 28.18
CA ASN B 284 -2.71 20.43 29.28
C ASN B 284 -3.81 21.48 29.46
N SER B 285 -4.63 21.71 28.44
CA SER B 285 -5.54 22.86 28.39
C SER B 285 -7.01 22.53 28.56
N VAL B 286 -7.46 21.35 28.11
CA VAL B 286 -8.85 20.95 28.22
C VAL B 286 -8.93 19.58 28.87
N GLU B 287 -10.13 19.23 29.32
CA GLU B 287 -10.35 17.92 29.90
C GLU B 287 -10.41 16.84 28.82
N ARG B 288 -11.41 16.91 27.94
CA ARG B 288 -11.63 15.86 26.95
C ARG B 288 -10.86 16.27 25.71
N ALA B 289 -9.63 15.77 25.61
CA ALA B 289 -8.62 16.32 24.71
C ALA B 289 -8.48 15.53 23.41
N SER B 290 -9.57 15.38 22.64
CA SER B 290 -9.44 14.60 21.40
C SER B 290 -8.82 15.45 20.30
N PRO B 291 -7.80 14.96 19.61
CA PRO B 291 -7.22 15.73 18.51
C PRO B 291 -7.96 15.61 17.18
N TYR B 292 -9.11 14.93 17.12
CA TYR B 292 -9.79 14.68 15.86
C TYR B 292 -10.92 15.67 15.57
N LEU B 293 -11.02 16.73 16.37
CA LEU B 293 -12.02 17.78 16.26
C LEU B 293 -11.37 19.06 15.76
N ARG B 294 -12.19 19.93 15.17
CA ARG B 294 -11.75 21.30 14.90
C ARG B 294 -12.10 22.13 16.14
N TYR B 295 -11.12 22.79 16.73
CA TYR B 295 -11.36 23.62 17.91
C TYR B 295 -11.45 25.09 17.54
N TYR B 296 -12.22 25.84 18.33
CA TYR B 296 -12.36 27.28 18.17
C TYR B 296 -11.89 27.95 19.45
N PHE B 297 -10.78 28.68 19.38
CA PHE B 297 -10.29 29.40 20.55
C PHE B 297 -11.07 30.69 20.72
N ARG B 298 -11.89 30.75 21.78
CA ARG B 298 -12.72 31.91 22.11
C ARG B 298 -13.55 32.40 20.91
N GLU B 299 -13.90 31.47 20.02
CA GLU B 299 -14.60 31.80 18.77
C GLU B 299 -13.84 32.80 17.91
N LEU B 300 -12.54 32.96 18.13
CA LEU B 300 -11.71 33.93 17.41
C LEU B 300 -10.97 33.29 16.24
N ILE B 301 -10.42 32.10 16.45
CA ILE B 301 -9.51 31.48 15.50
C ILE B 301 -9.70 29.99 15.62
N SER B 302 -9.59 29.27 14.49
CA SER B 302 -9.68 27.81 14.48
C SER B 302 -8.32 27.21 14.80
N VAL B 303 -8.32 26.15 15.60
CA VAL B 303 -7.10 25.50 16.01
C VAL B 303 -7.27 24.01 15.81
N PHE B 304 -6.35 23.39 15.08
CA PHE B 304 -6.24 21.95 15.02
C PHE B 304 -5.04 21.52 15.84
N PHE B 305 -5.15 20.36 16.47
CA PHE B 305 -4.05 19.80 17.24
C PHE B 305 -3.58 18.54 16.52
N ARG B 306 -2.28 18.49 16.23
CA ARG B 306 -1.77 17.37 15.47
C ARG B 306 -1.84 16.09 16.29
N ASP B 307 -2.01 14.98 15.59
CA ASP B 307 -1.89 13.66 16.20
C ASP B 307 -0.41 13.41 16.43
N LYS B 308 0.01 13.53 17.70
CA LYS B 308 1.43 13.47 18.01
C LYS B 308 1.99 12.08 17.72
N THR B 309 1.22 11.03 18.02
CA THR B 309 1.75 9.69 17.76
C THR B 309 2.07 9.49 16.29
N LEU B 310 1.12 9.83 15.40
CA LEU B 310 1.35 9.63 13.97
C LEU B 310 2.47 10.53 13.48
N SER B 311 2.50 11.78 13.96
CA SER B 311 3.53 12.72 13.55
C SER B 311 4.92 12.25 13.95
N ASP B 312 5.04 11.70 15.16
CA ASP B 312 6.33 11.22 15.63
C ASP B 312 6.70 9.88 15.03
N LEU B 313 5.71 9.07 14.61
CA LEU B 313 6.07 7.86 13.89
C LEU B 313 6.85 8.18 12.62
N ILE B 314 6.35 9.13 11.81
CA ILE B 314 7.06 9.52 10.60
C ILE B 314 8.36 10.22 10.95
N GLY B 315 8.33 11.10 11.94
CA GLY B 315 9.48 11.93 12.20
C GLY B 315 10.63 11.18 12.83
N PHE B 316 10.33 10.15 13.64
CA PHE B 316 11.36 9.49 14.44
C PHE B 316 11.39 7.98 14.38
N SER B 317 10.28 7.30 14.08
CA SER B 317 10.27 5.85 14.14
C SER B 317 10.54 5.16 12.81
N TYR B 318 9.81 5.54 11.75
CA TYR B 318 9.78 4.74 10.54
C TYR B 318 11.10 4.72 9.77
N HIS B 319 12.05 5.62 10.06
CA HIS B 319 13.36 5.45 9.44
C HIS B 319 13.94 4.08 9.76
N ALA B 320 13.57 3.53 10.91
CA ALA B 320 14.09 2.24 11.34
C ALA B 320 13.39 1.06 10.69
N TRP B 321 12.35 1.29 9.88
CA TRP B 321 11.52 0.22 9.32
C TRP B 321 11.80 0.02 7.85
N ASN B 322 11.41 -1.16 7.36
CA ASN B 322 11.23 -1.37 5.93
C ASN B 322 10.05 -0.54 5.46
N ALA B 323 10.12 -0.05 4.23
CA ALA B 323 9.16 0.96 3.76
C ALA B 323 7.74 0.43 3.75
N GLU B 324 7.52 -0.77 3.17
CA GLU B 324 6.15 -1.23 3.03
C GLU B 324 5.57 -1.64 4.37
N ASP B 325 6.41 -2.20 5.24
CA ASP B 325 5.99 -2.48 6.61
C ASP B 325 5.57 -1.21 7.34
N ALA B 326 6.30 -0.11 7.14
CA ALA B 326 5.93 1.12 7.82
C ALA B 326 4.61 1.65 7.31
N VAL B 327 4.39 1.56 6.00
CA VAL B 327 3.14 2.02 5.42
C VAL B 327 1.96 1.21 5.95
N ARG B 328 2.11 -0.11 6.04
CA ARG B 328 1.05 -0.94 6.63
C ARG B 328 0.72 -0.49 8.05
N ASP B 329 1.75 -0.27 8.87
CA ASP B 329 1.54 0.19 10.24
C ASP B 329 0.74 1.47 10.29
N PHE B 330 1.13 2.46 9.47
CA PHE B 330 0.47 3.76 9.47
C PHE B 330 -0.98 3.64 9.01
N ILE B 331 -1.22 2.89 7.92
CA ILE B 331 -2.58 2.70 7.45
C ILE B 331 -3.42 1.99 8.50
N GLY B 332 -2.86 0.97 9.14
CA GLY B 332 -3.59 0.26 10.16
C GLY B 332 -3.94 1.14 11.36
N ARG B 333 -3.08 2.10 11.68
CA ARG B 333 -3.40 3.02 12.76
C ARG B 333 -4.52 3.97 12.34
N LEU B 334 -4.50 4.42 11.09
CA LEU B 334 -5.62 5.22 10.60
C LEU B 334 -6.92 4.44 10.60
N LYS B 335 -6.87 3.13 10.26
CA LYS B 335 -8.07 2.32 10.28
C LYS B 335 -8.67 2.25 11.69
N LYS B 336 -7.80 2.10 12.71
CA LYS B 336 -8.28 2.10 14.09
C LYS B 336 -8.99 3.40 14.43
N ILE B 337 -8.38 4.53 14.05
CA ILE B 337 -9.00 5.81 14.33
C ILE B 337 -10.36 5.90 13.64
N HIS B 338 -10.38 5.53 12.35
CA HIS B 338 -11.64 5.44 11.60
C HIS B 338 -12.69 4.64 12.36
N GLU B 339 -12.31 3.50 12.92
CA GLU B 339 -13.25 2.60 13.56
C GLU B 339 -13.59 3.01 14.99
N SER B 340 -12.86 3.97 15.56
CA SER B 340 -13.03 4.33 16.98
C SER B 340 -14.11 5.38 17.21
N VAL B 341 -14.60 6.04 16.16
CA VAL B 341 -15.58 7.10 16.31
C VAL B 341 -16.67 6.93 15.27
N ASP B 342 -17.86 7.42 15.62
CA ASP B 342 -19.02 7.42 14.73
C ASP B 342 -18.99 8.56 13.74
N PHE B 343 -18.25 9.63 14.03
CA PHE B 343 -18.21 10.81 13.20
C PHE B 343 -16.97 10.75 12.31
N GLN B 344 -16.74 11.81 11.52
CA GLN B 344 -15.60 11.83 10.61
C GLN B 344 -14.45 12.55 11.29
N PRO B 345 -13.40 11.85 11.70
CA PRO B 345 -12.30 12.49 12.41
C PRO B 345 -11.40 13.25 11.45
N VAL B 346 -10.80 14.31 11.97
CA VAL B 346 -9.78 15.05 11.22
C VAL B 346 -8.44 14.76 11.88
N VAL B 347 -7.51 14.21 11.10
CA VAL B 347 -6.23 13.72 11.60
C VAL B 347 -5.14 14.61 11.00
N PHE B 348 -4.53 15.47 11.82
CA PHE B 348 -3.44 16.33 11.37
C PHE B 348 -2.09 15.66 11.65
N VAL B 349 -1.28 15.52 10.61
CA VAL B 349 0.08 14.99 10.69
C VAL B 349 1.01 16.16 10.38
N VAL B 350 1.68 16.69 11.40
CA VAL B 350 2.43 17.94 11.28
C VAL B 350 3.82 17.71 11.86
N LEU B 351 4.86 18.01 11.07
CA LEU B 351 6.24 17.84 11.53
C LEU B 351 7.15 18.56 10.54
N ASP B 352 8.42 18.69 10.92
CA ASP B 352 9.42 19.22 9.98
C ASP B 352 9.37 18.41 8.68
N GLY B 353 9.46 19.11 7.55
CA GLY B 353 9.32 18.44 6.29
C GLY B 353 10.63 18.05 5.64
N GLU B 354 11.76 18.39 6.25
CA GLU B 354 13.05 18.12 5.58
C GLU B 354 14.09 17.43 6.44
N ASN B 355 13.79 17.14 7.71
CA ASN B 355 14.84 16.65 8.61
C ASN B 355 14.83 15.16 8.87
N CYS B 356 13.74 14.47 8.64
CA CYS B 356 13.71 13.05 9.00
C CYS B 356 14.20 12.14 7.88
N TRP B 357 14.14 12.58 6.61
CA TRP B 357 14.31 11.66 5.49
C TRP B 357 15.74 11.15 5.35
N GLU B 358 16.72 11.95 5.79
CA GLU B 358 18.12 11.55 5.68
C GLU B 358 18.44 10.32 6.52
N TYR B 359 17.58 9.97 7.47
CA TYR B 359 17.78 8.75 8.26
C TYR B 359 17.03 7.56 7.68
N TYR B 360 16.23 7.75 6.63
CA TYR B 360 15.53 6.67 5.96
C TYR B 360 16.40 6.07 4.85
N GLU B 361 16.23 4.78 4.58
CA GLU B 361 16.82 4.19 3.39
C GLU B 361 16.41 4.98 2.17
N GLU B 362 17.36 5.21 1.26
CA GLU B 362 17.12 5.94 0.02
C GLU B 362 16.36 7.25 0.26
N ASN B 363 16.70 7.96 1.34
CA ASN B 363 16.15 9.27 1.62
C ASN B 363 14.62 9.26 1.74
N GLY B 364 14.04 8.14 2.21
CA GLY B 364 12.60 8.12 2.42
C GLY B 364 11.77 7.97 1.16
N ILE B 365 12.38 7.79 0.00
CA ILE B 365 11.64 7.78 -1.25
C ILE B 365 10.78 6.52 -1.35
N PRO B 366 11.31 5.32 -1.07
CA PRO B 366 10.41 4.15 -1.04
C PRO B 366 9.25 4.32 -0.07
N PHE B 367 9.49 4.93 1.10
CA PHE B 367 8.41 5.11 2.06
C PHE B 367 7.34 6.07 1.54
N LEU B 368 7.74 7.28 1.10
CA LEU B 368 6.71 8.23 0.65
C LEU B 368 6.02 7.76 -0.62
N GLU B 369 6.75 7.20 -1.57
CA GLU B 369 6.09 6.70 -2.78
C GLU B 369 5.06 5.62 -2.44
N LYS B 370 5.40 4.71 -1.54
CA LYS B 370 4.44 3.69 -1.16
C LYS B 370 3.30 4.29 -0.32
N LEU B 371 3.61 5.24 0.55
CA LEU B 371 2.56 5.85 1.37
C LEU B 371 1.56 6.60 0.50
N TYR B 372 2.07 7.44 -0.39
CA TYR B 372 1.18 8.28 -1.18
C TYR B 372 0.40 7.45 -2.20
N SER B 373 1.06 6.44 -2.78
CA SER B 373 0.36 5.52 -3.67
C SER B 373 -0.78 4.81 -2.94
N THR B 374 -0.54 4.41 -1.70
CA THR B 374 -1.58 3.71 -0.96
C THR B 374 -2.71 4.66 -0.60
N LEU B 375 -2.35 5.87 -0.14
CA LEU B 375 -3.37 6.83 0.28
C LEU B 375 -4.27 7.24 -0.88
N GLU B 376 -3.70 7.41 -2.09
CA GLU B 376 -4.48 7.91 -3.22
C GLU B 376 -5.55 6.92 -3.63
N LYS B 377 -5.45 5.66 -3.21
CA LYS B 377 -6.38 4.63 -3.63
C LYS B 377 -7.28 4.13 -2.50
N GLU B 378 -7.08 4.59 -1.26
CA GLU B 378 -7.90 4.16 -0.14
C GLU B 378 -9.23 4.91 -0.15
N GLU B 379 -10.35 4.18 -0.23
CA GLU B 379 -11.60 4.88 -0.51
C GLU B 379 -12.26 5.45 0.73
N TRP B 380 -11.77 5.13 1.93
CA TRP B 380 -12.34 5.67 3.15
C TRP B 380 -11.48 6.79 3.73
N ILE B 381 -10.36 7.11 3.06
CA ILE B 381 -9.49 8.21 3.47
C ILE B 381 -9.62 9.32 2.44
N GLU B 382 -9.79 10.55 2.91
CA GLU B 382 -9.67 11.71 2.05
C GLU B 382 -8.59 12.63 2.60
N THR B 383 -7.53 12.85 1.82
CA THR B 383 -6.57 13.89 2.21
C THR B 383 -7.12 15.27 1.86
N LEU B 384 -6.80 16.27 2.69
CA LEU B 384 -7.36 17.62 2.56
C LEU B 384 -6.27 18.67 2.49
N THR B 385 -6.57 19.76 1.77
CA THR B 385 -5.80 20.97 1.93
C THR B 385 -6.18 21.65 3.24
N LEU B 386 -5.34 22.60 3.68
CA LEU B 386 -5.69 23.34 4.89
C LEU B 386 -7.00 24.08 4.71
N GLU B 387 -7.21 24.66 3.52
CA GLU B 387 -8.47 25.34 3.25
C GLU B 387 -9.65 24.38 3.36
N GLU B 388 -9.50 23.17 2.81
CA GLU B 388 -10.58 22.19 2.91
C GLU B 388 -10.81 21.77 4.37
N ALA B 389 -9.74 21.62 5.15
CA ALA B 389 -9.93 21.25 6.55
C ALA B 389 -10.58 22.37 7.34
N MET B 390 -10.25 23.62 6.99
CA MET B 390 -10.82 24.78 7.68
C MET B 390 -12.31 24.92 7.44
N ARG B 391 -12.78 24.54 6.24
CA ARG B 391 -14.16 24.77 5.83
C ARG B 391 -15.02 23.52 5.87
N LYS B 392 -14.46 22.37 6.27
CA LYS B 392 -15.18 21.11 6.20
C LYS B 392 -16.37 21.11 7.15
N GLU B 393 -17.56 20.81 6.62
CA GLU B 393 -18.75 20.95 7.45
C GLU B 393 -19.05 19.70 8.26
N ASP B 394 -18.84 18.52 7.69
CA ASP B 394 -19.27 17.27 8.31
C ASP B 394 -18.22 16.74 9.29
N VAL B 395 -17.78 17.57 10.23
CA VAL B 395 -16.83 17.17 11.26
C VAL B 395 -17.35 17.66 12.62
N LYS B 396 -16.67 17.23 13.68
CA LYS B 396 -17.04 17.64 15.03
C LYS B 396 -16.15 18.79 15.49
N THR B 397 -16.72 19.66 16.33
CA THR B 397 -16.03 20.86 16.77
C THR B 397 -16.28 21.08 18.25
N GLU B 398 -15.40 21.89 18.86
CA GLU B 398 -15.42 22.16 20.29
C GLU B 398 -14.83 23.55 20.49
N VAL B 399 -15.27 24.23 21.54
CA VAL B 399 -14.73 25.54 21.87
C VAL B 399 -13.71 25.38 22.99
N ILE B 400 -12.66 26.20 22.96
CA ILE B 400 -11.67 26.24 24.03
C ILE B 400 -11.50 27.69 24.46
N GLU B 401 -11.47 27.93 25.78
CA GLU B 401 -11.37 29.28 26.30
C GLU B 401 -9.96 29.69 26.74
N SER B 402 -9.04 28.73 26.91
CA SER B 402 -7.73 29.07 27.44
C SER B 402 -6.78 27.91 27.14
N VAL B 403 -5.53 28.24 26.81
CA VAL B 403 -4.51 27.23 26.61
C VAL B 403 -3.40 27.46 27.63
N LYS B 404 -2.72 26.37 27.99
CA LYS B 404 -1.52 26.49 28.80
C LYS B 404 -0.34 26.61 27.85
N ALA B 405 0.40 27.71 27.97
CA ALA B 405 1.43 28.03 26.99
C ALA B 405 2.48 26.94 26.94
N GLY B 406 3.00 26.67 25.74
CA GLY B 406 4.01 25.65 25.61
C GLY B 406 4.45 25.50 24.18
N THR B 407 5.20 24.43 23.93
CA THR B 407 5.69 24.06 22.61
C THR B 407 5.45 22.57 22.40
N TRP B 408 5.82 22.07 21.23
CA TRP B 408 5.67 20.65 21.00
C TRP B 408 6.80 19.85 21.62
N PHE B 409 7.76 20.49 22.28
CA PHE B 409 8.75 19.75 23.07
C PHE B 409 8.24 19.70 24.50
N ASP B 410 7.63 18.57 24.87
CA ASP B 410 7.12 18.30 26.22
C ASP B 410 6.11 19.34 26.69
N GLY B 411 5.55 20.15 25.79
CA GLY B 411 4.61 21.17 26.23
C GLY B 411 5.22 22.35 26.97
N ASN B 412 6.53 22.57 26.87
CA ASN B 412 7.17 23.64 27.66
C ASN B 412 8.31 24.26 26.86
N PHE B 413 9.01 25.21 27.51
CA PHE B 413 9.98 26.05 26.80
C PHE B 413 11.43 25.74 27.14
N LEU B 414 11.70 24.64 27.82
CA LEU B 414 13.02 24.43 28.44
C LEU B 414 14.13 24.23 27.40
N LYS B 415 13.80 23.85 26.17
CA LYS B 415 14.85 23.71 25.16
C LYS B 415 15.35 25.06 24.65
N TRP B 416 14.75 26.17 25.06
CA TRP B 416 15.17 27.47 24.56
C TRP B 416 15.49 28.48 25.65
N ILE B 417 15.21 28.15 26.92
CA ILE B 417 15.40 29.08 28.01
C ILE B 417 15.48 28.27 29.29
N GLY B 418 16.19 28.80 30.29
CA GLY B 418 16.15 28.25 31.63
C GLY B 418 17.47 27.74 32.18
N ASN B 419 18.44 27.38 31.35
CA ASN B 419 19.75 27.06 31.89
C ASN B 419 20.68 28.25 31.68
N LYS B 420 21.88 28.18 32.29
CA LYS B 420 22.73 29.36 32.30
C LYS B 420 23.10 29.80 30.89
N GLU B 421 23.46 28.85 30.02
CA GLU B 421 23.94 29.23 28.70
C GLU B 421 22.82 29.77 27.82
N LYS B 422 21.64 29.13 27.82
CA LYS B 422 20.54 29.69 27.03
C LYS B 422 20.11 31.04 27.60
N ASN B 423 20.07 31.16 28.94
CA ASN B 423 19.73 32.44 29.54
C ASN B 423 20.72 33.53 29.15
N GLU B 424 21.99 33.17 28.96
CA GLU B 424 22.98 34.16 28.52
C GLU B 424 22.61 34.75 27.16
N TYR B 425 22.13 33.92 26.22
CA TYR B 425 21.70 34.43 24.93
C TYR B 425 20.56 35.40 25.07
N TRP B 426 19.55 35.07 25.89
CA TRP B 426 18.46 36.00 26.12
C TRP B 426 18.97 37.31 26.72
N LYS B 427 19.87 37.23 27.69
CA LYS B 427 20.43 38.46 28.27
C LYS B 427 21.14 39.29 27.20
N ILE B 428 21.89 38.64 26.31
CA ILE B 428 22.56 39.35 25.22
C ILE B 428 21.54 40.01 24.32
N LEU B 429 20.46 39.28 23.99
CA LEU B 429 19.41 39.83 23.14
C LEU B 429 18.70 40.99 23.81
N ILE B 430 18.42 40.87 25.12
CA ILE B 430 17.75 41.95 25.84
C ILE B 430 18.60 43.21 25.81
N GLU B 431 19.91 43.06 26.06
CA GLU B 431 20.78 44.22 26.11
C GLU B 431 20.93 44.84 24.72
N ALA B 432 21.01 44.00 23.68
CA ALA B 432 21.13 44.55 22.32
C ALA B 432 19.85 45.25 21.88
N LYS B 433 18.69 44.70 22.28
CA LYS B 433 17.42 45.31 21.92
C LYS B 433 17.29 46.73 22.47
N LYS B 434 17.87 47.02 23.65
CA LYS B 434 17.84 48.37 24.19
C LYS B 434 18.43 49.39 23.22
N LYS B 435 19.42 48.98 22.42
CA LYS B 435 20.09 49.90 21.50
C LYS B 435 19.97 49.45 20.06
N ALA B 436 18.97 48.64 19.74
CA ALA B 436 18.83 48.12 18.39
C ALA B 436 18.44 49.25 17.43
N LYS B 437 18.95 49.17 16.19
CA LYS B 437 18.71 50.22 15.20
C LYS B 437 18.18 49.70 13.88
N ASN B 438 18.06 48.38 13.70
CA ASN B 438 17.60 47.82 12.44
C ASN B 438 17.01 46.44 12.71
N ASP B 439 16.48 45.82 11.65
CA ASP B 439 15.75 44.56 11.76
C ASP B 439 16.64 43.35 11.95
N TYR B 440 17.98 43.51 12.03
CA TYR B 440 18.78 42.36 12.42
C TYR B 440 18.48 41.90 13.83
N ILE B 441 17.88 42.77 14.67
CA ILE B 441 17.43 42.29 15.98
C ILE B 441 16.36 41.22 15.81
N LEU B 442 15.55 41.31 14.75
CA LEU B 442 14.54 40.28 14.50
C LEU B 442 15.19 38.96 14.12
N VAL B 443 16.26 39.01 13.29
CA VAL B 443 16.98 37.78 12.95
C VAL B 443 17.47 37.06 14.19
N ALA B 444 18.02 37.81 15.16
CA ALA B 444 18.55 37.23 16.38
C ALA B 444 17.47 36.68 17.30
N GLU B 445 16.20 37.01 17.06
CA GLU B 445 15.10 36.44 17.83
C GLU B 445 14.67 35.07 17.32
N GLY B 446 15.30 34.54 16.30
CA GLY B 446 14.92 33.23 15.80
C GLY B 446 15.18 32.15 16.82
N SER B 447 14.33 31.13 16.82
CA SER B 447 14.42 30.13 17.88
C SER B 447 15.70 29.30 17.78
N ASP B 448 16.25 29.17 16.57
CA ASP B 448 17.35 28.23 16.32
C ASP B 448 18.57 28.54 17.18
N TRP B 449 18.91 29.82 17.36
CA TRP B 449 20.09 30.16 18.14
C TRP B 449 20.00 29.64 19.56
N PHE B 450 18.83 29.75 20.19
CA PHE B 450 18.66 29.32 21.58
C PHE B 450 18.61 27.80 21.68
N TRP B 451 18.13 27.13 20.64
CA TRP B 451 18.09 25.66 20.62
C TRP B 451 19.48 25.04 20.72
N TRP B 452 20.43 25.56 19.93
CA TRP B 452 21.78 24.99 19.85
C TRP B 452 22.67 25.41 21.00
N GLN B 453 22.33 26.50 21.68
CA GLN B 453 23.15 27.06 22.74
C GLN B 453 22.96 26.27 24.01
N GLY B 454 24.04 26.11 24.77
CA GLY B 454 23.92 25.43 26.05
C GLY B 454 23.57 23.96 25.94
N GLU B 455 24.09 23.29 24.93
CA GLU B 455 23.95 21.85 24.73
C GLU B 455 25.35 21.23 24.74
N GLU B 456 25.39 19.90 24.76
CA GLU B 456 26.67 19.21 24.67
C GLU B 456 27.36 19.57 23.36
N LYS B 457 28.68 19.76 23.43
CA LYS B 457 29.43 20.25 22.28
C LYS B 457 29.25 19.33 21.09
N ALA B 458 28.81 19.91 19.97
CA ALA B 458 28.63 19.22 18.71
C ALA B 458 29.37 19.96 17.62
N PRO B 459 29.76 19.27 16.54
CA PRO B 459 30.48 19.97 15.47
C PRO B 459 29.62 21.07 14.84
N PHE B 460 30.26 22.19 14.56
CA PHE B 460 29.70 23.37 13.89
C PHE B 460 28.77 24.21 14.76
N VAL B 461 28.57 23.86 16.04
CA VAL B 461 27.76 24.72 16.90
C VAL B 461 28.41 26.09 17.07
N GLU B 462 29.73 26.15 16.99
CA GLU B 462 30.40 27.44 17.00
C GLU B 462 29.90 28.34 15.88
N VAL B 463 29.40 27.75 14.79
CA VAL B 463 28.95 28.58 13.69
C VAL B 463 27.62 29.23 14.01
N PHE B 464 26.67 28.49 14.60
CA PHE B 464 25.42 29.10 15.05
C PHE B 464 25.70 30.21 16.07
N ASP B 465 26.67 29.99 16.97
CA ASP B 465 27.02 31.02 17.95
C ASP B 465 27.61 32.26 17.27
N LYS B 466 28.50 32.05 16.30
CA LYS B 466 29.06 33.17 15.54
C LYS B 466 27.96 33.94 14.82
N LEU B 467 27.02 33.22 14.18
CA LEU B 467 25.93 33.89 13.48
C LEU B 467 25.05 34.70 14.43
N PHE B 468 24.58 34.08 15.52
CA PHE B 468 23.74 34.80 16.48
C PHE B 468 24.42 36.09 16.94
N ARG B 469 25.69 35.98 17.35
CA ARG B 469 26.35 37.15 17.91
C ARG B 469 26.66 38.19 16.85
N SER B 470 26.87 37.75 15.60
CA SER B 470 27.07 38.72 14.53
C SER B 470 25.79 39.48 14.21
N PHE B 471 24.64 38.81 14.21
CA PHE B 471 23.38 39.53 14.00
C PHE B 471 23.09 40.50 15.15
N VAL B 472 23.42 40.08 16.37
CA VAL B 472 23.25 40.96 17.54
C VAL B 472 24.11 42.21 17.39
N ARG B 473 25.36 42.03 16.94
CA ARG B 473 26.25 43.17 16.75
C ARG B 473 25.73 44.09 15.64
N ARG B 474 25.35 43.50 14.50
CA ARG B 474 24.90 44.30 13.38
C ARG B 474 23.61 45.04 13.67
N ALA B 475 22.76 44.50 14.54
CA ALA B 475 21.52 45.16 14.93
C ALA B 475 21.77 46.49 15.62
N GLN B 476 22.94 46.67 16.21
CA GLN B 476 23.23 47.85 16.99
C GLN B 476 24.03 48.88 16.20
N GLU B 477 24.32 48.60 14.94
CA GLU B 477 25.11 49.51 14.11
C GLU B 477 24.23 50.28 13.13
#